data_2VL5
#
_entry.id   2VL5
#
_cell.length_a   60.600
_cell.length_b   78.000
_cell.length_c   99.500
_cell.angle_alpha   90.00
_cell.angle_beta   83.10
_cell.angle_gamma   90.00
#
_symmetry.space_group_name_H-M   'P 1 21 1'
#
loop_
_entity.id
_entity.type
_entity.pdbx_description
1 polymer 'CIIC1 ANTICOLLAGEN FAB'
2 polymer 'CIIC1 ANTICOLLAGEN FAB'
3 water water
#
loop_
_entity_poly.entity_id
_entity_poly.type
_entity_poly.pdbx_seq_one_letter_code
_entity_poly.pdbx_strand_id
1 'polypeptide(L)'
;QVQLQQPGADLVRPGVSVKLSCKASGYTFTSYWMNWVKQRPGQGLEWIGMIHPSDSETRLSQKFKDKATLTVDKSSSTAY
MQLSSPTSEDSAVYYCARLKPGGTWFAYWGQGTLVTVSAAKTTAPSVYPLAPVCGDTTGSSVTLGCLVKGYFPEPVTLTW
NSGSLSSGVHTFPAVLQSDLYTLSSSVTVTSSTWPSQSITCNVAHPASSTKVDKKIEP
;
A,C
2 'polypeptide(L)'
;DIVLTQSPASLTVSLGQRATISCRASKSVDSYGNSFMEWYQQKPGQPPKLLIYRASNLESGIPARFSGSGSRTDFTLTIN
PVEADDVATYYCQQSNEDPYTFGGGTKLEIKRADAAPTVSIFPPSSEQLTSGGASVVCFLNNFYPKDINVKWKIDGSERQ
NGVLNSWTDQDSKDSTYSMSSTLTLTKDEYERHNSYTCEATHKTSTSPIVKSFNRNEC
;
B,D
#
# COMPACT_ATOMS: atom_id res chain seq x y z
N GLN A 1 -25.58 10.27 -9.27
CA GLN A 1 -25.96 8.91 -8.78
C GLN A 1 -24.86 8.38 -7.86
N VAL A 2 -25.28 7.88 -6.71
CA VAL A 2 -24.34 7.58 -5.63
C VAL A 2 -23.45 6.38 -5.95
N GLN A 3 -22.15 6.61 -5.88
CA GLN A 3 -21.15 5.58 -6.11
C GLN A 3 -20.33 5.31 -4.84
N LEU A 4 -20.04 4.04 -4.57
CA LEU A 4 -19.14 3.67 -3.47
C LEU A 4 -17.98 2.83 -3.99
N GLN A 5 -16.79 3.42 -4.10
CA GLN A 5 -15.66 2.77 -4.82
C GLN A 5 -14.51 2.20 -3.97
N GLN A 6 -14.36 0.88 -4.02
CA GLN A 6 -13.30 0.14 -3.30
C GLN A 6 -12.41 -0.63 -4.30
N PRO A 7 -11.09 -0.58 -4.15
CA PRO A 7 -10.18 -1.53 -4.83
C PRO A 7 -10.63 -3.02 -4.85
N GLY A 8 -10.25 -3.77 -5.87
CA GLY A 8 -10.81 -5.11 -6.05
C GLY A 8 -10.23 -6.22 -5.16
N ALA A 9 -8.92 -6.10 -4.87
CA ALA A 9 -8.12 -7.10 -4.13
C ALA A 9 -6.90 -6.50 -3.40
N ASP A 10 -6.35 -7.23 -2.43
CA ASP A 10 -5.11 -6.83 -1.70
C ASP A 10 -4.35 -8.07 -1.14
N LEU A 11 -3.02 -8.12 -1.36
CA LEU A 11 -2.18 -9.19 -0.79
C LEU A 11 -1.36 -8.70 0.40
N VAL A 12 -1.78 -9.10 1.59
CA VAL A 12 -1.18 -8.62 2.82
C VAL A 12 -0.32 -9.67 3.51
N ARG A 13 0.85 -9.25 3.98
CA ARG A 13 1.72 -10.15 4.74
C ARG A 13 1.24 -10.37 6.18
N PRO A 14 1.29 -11.63 6.66
CA PRO A 14 0.91 -11.93 8.03
C PRO A 14 1.55 -10.98 9.04
N GLY A 15 0.72 -10.35 9.87
CA GLY A 15 1.21 -9.47 10.93
C GLY A 15 1.37 -8.01 10.54
N VAL A 16 1.32 -7.70 9.26
CA VAL A 16 1.48 -6.32 8.79
C VAL A 16 0.13 -5.65 8.49
N SER A 17 -0.20 -4.66 9.30
CA SER A 17 -1.42 -3.85 9.26
C SER A 17 -1.73 -3.38 7.85
N VAL A 18 -3.02 -3.37 7.43
CA VAL A 18 -3.43 -2.98 6.07
C VAL A 18 -4.59 -1.99 6.13
N LYS A 19 -4.58 -0.96 5.27
CA LYS A 19 -5.65 0.00 5.31
C LYS A 19 -6.55 -0.09 4.07
N LEU A 20 -7.82 -0.44 4.28
CA LEU A 20 -8.77 -0.51 3.16
C LEU A 20 -9.37 0.88 2.88
N SER A 21 -9.89 1.13 1.68
CA SER A 21 -10.51 2.42 1.33
C SER A 21 -11.83 2.30 0.58
N CYS A 22 -12.69 3.28 0.82
CA CYS A 22 -14.01 3.33 0.21
C CYS A 22 -14.30 4.78 -0.17
N LYS A 23 -14.16 5.13 -1.45
CA LYS A 23 -14.37 6.52 -1.89
C LYS A 23 -15.81 6.76 -2.27
N ALA A 24 -16.42 7.80 -1.71
CA ALA A 24 -17.85 8.07 -1.96
C ALA A 24 -18.03 9.23 -2.90
N SER A 25 -19.10 9.17 -3.71
CA SER A 25 -19.45 10.24 -4.61
C SER A 25 -20.94 10.16 -4.99
N GLY A 26 -21.46 11.23 -5.62
CA GLY A 26 -22.87 11.33 -6.01
C GLY A 26 -23.81 11.80 -4.92
N TYR A 27 -23.25 12.17 -3.76
CA TYR A 27 -24.04 12.77 -2.67
C TYR A 27 -23.09 13.42 -1.67
N THR A 28 -23.67 13.97 -0.59
CA THR A 28 -22.94 14.62 0.53
C THR A 28 -22.40 13.62 1.56
N PHE A 29 -21.12 13.31 1.42
CA PHE A 29 -20.44 12.29 2.20
C PHE A 29 -20.69 12.39 3.72
N THR A 30 -20.84 13.62 4.23
CA THR A 30 -20.91 13.90 5.69
C THR A 30 -22.31 13.75 6.30
N SER A 31 -23.28 13.40 5.44
CA SER A 31 -24.69 13.31 5.83
C SER A 31 -25.17 11.91 6.29
N TYR A 32 -24.44 10.83 5.99
CA TYR A 32 -24.96 9.45 6.18
C TYR A 32 -23.97 8.55 6.85
N TRP A 33 -24.49 7.59 7.62
CA TRP A 33 -23.63 6.60 8.29
C TRP A 33 -23.03 5.62 7.29
N MET A 34 -21.71 5.43 7.41
CA MET A 34 -21.01 4.41 6.64
C MET A 34 -20.75 3.14 7.49
N ASN A 35 -21.18 1.99 6.96
CA ASN A 35 -20.97 0.70 7.57
C ASN A 35 -19.94 -0.13 6.84
N TRP A 36 -19.21 -1.00 7.58
CA TRP A 36 -18.35 -2.04 6.98
C TRP A 36 -18.85 -3.47 7.34
N VAL A 37 -18.74 -4.40 6.37
CA VAL A 37 -19.08 -5.79 6.65
C VAL A 37 -18.10 -6.76 6.06
N LYS A 38 -17.77 -7.78 6.85
CA LYS A 38 -16.86 -8.88 6.45
C LYS A 38 -17.63 -10.06 5.82
N GLN A 39 -17.09 -10.64 4.72
CA GLN A 39 -17.58 -11.93 4.13
C GLN A 39 -16.43 -12.91 3.75
N ARG A 40 -16.23 -13.94 4.58
CA ARG A 40 -15.21 -14.94 4.34
C ARG A 40 -15.66 -15.83 3.18
N PRO A 41 -14.70 -16.30 2.35
CA PRO A 41 -14.92 -16.93 1.02
C PRO A 41 -15.89 -18.13 1.07
N GLY A 42 -17.00 -18.03 0.35
CA GLY A 42 -18.04 -19.05 0.40
C GLY A 42 -18.88 -19.02 1.68
N GLN A 43 -18.71 -17.96 2.47
CA GLN A 43 -19.39 -17.86 3.77
C GLN A 43 -20.48 -16.78 3.84
N GLY A 44 -21.11 -16.66 5.01
CA GLY A 44 -22.02 -15.55 5.33
C GLY A 44 -21.37 -14.22 5.74
N LEU A 45 -22.24 -13.29 6.14
CA LEU A 45 -21.90 -11.90 6.29
C LEU A 45 -21.86 -11.47 7.77
N GLU A 46 -20.88 -10.67 8.17
CA GLU A 46 -20.79 -10.15 9.55
C GLU A 46 -20.56 -8.65 9.53
N TRP A 47 -21.35 -7.90 10.32
CA TRP A 47 -21.24 -6.42 10.54
C TRP A 47 -20.05 -6.02 11.43
N ILE A 48 -19.20 -5.16 10.94
CA ILE A 48 -17.96 -4.83 11.67
C ILE A 48 -18.16 -3.60 12.57
N GLY A 49 -18.74 -2.55 11.99
CA GLY A 49 -18.93 -1.30 12.70
C GLY A 49 -19.44 -0.23 11.74
N MET A 50 -19.81 0.93 12.25
CA MET A 50 -20.23 2.08 11.44
C MET A 50 -19.53 3.35 11.92
N ILE A 51 -19.46 4.36 11.06
CA ILE A 51 -18.87 5.65 11.44
C ILE A 51 -19.67 6.81 10.85
N HIS A 52 -19.86 7.88 11.61
CA HIS A 52 -20.53 9.01 10.98
C HIS A 52 -19.57 10.10 10.54
N PRO A 53 -19.39 10.27 9.22
CA PRO A 53 -18.34 11.15 8.69
C PRO A 53 -18.35 12.62 9.12
N SER A 54 -19.51 13.17 9.47
CA SER A 54 -19.59 14.58 9.93
C SER A 54 -18.68 14.86 11.13
N ASP A 55 -18.55 13.89 12.03
CA ASP A 55 -17.77 14.09 13.24
C ASP A 55 -17.02 12.84 13.64
N SER A 56 -17.15 11.76 12.87
CA SER A 56 -16.41 10.50 13.15
C SER A 56 -16.83 9.78 14.44
N GLU A 57 -18.02 10.11 14.93
CA GLU A 57 -18.69 9.27 15.91
C GLU A 57 -18.64 7.82 15.37
N THR A 58 -18.29 6.85 16.22
CA THR A 58 -18.15 5.44 15.78
C THR A 58 -18.89 4.44 16.69
N ARG A 59 -19.40 3.35 16.11
CA ARG A 59 -19.87 2.19 16.89
C ARG A 59 -19.25 0.94 16.29
N LEU A 60 -18.49 0.19 17.09
CA LEU A 60 -17.87 -1.05 16.66
C LEU A 60 -18.51 -2.29 17.29
N SER A 61 -18.58 -3.38 16.54
CA SER A 61 -18.92 -4.70 17.11
C SER A 61 -17.89 -5.09 18.16
N GLN A 62 -18.37 -5.64 19.26
CA GLN A 62 -17.44 -6.15 20.30
C GLN A 62 -16.50 -7.19 19.70
N LYS A 63 -17.00 -7.99 18.75
CA LYS A 63 -16.19 -8.98 18.05
C LYS A 63 -14.99 -8.40 17.29
N PHE A 64 -15.02 -7.10 16.99
CA PHE A 64 -13.98 -6.43 16.19
C PHE A 64 -13.20 -5.33 16.91
N LYS A 65 -13.55 -5.07 18.17
CA LYS A 65 -12.92 -4.05 19.06
C LYS A 65 -11.40 -3.88 18.91
N ASP A 66 -10.67 -4.99 18.83
CA ASP A 66 -9.20 -4.98 18.84
C ASP A 66 -8.63 -5.33 17.48
N LYS A 67 -9.47 -5.16 16.44
CA LYS A 67 -9.08 -5.55 15.07
C LYS A 67 -9.24 -4.43 14.07
N ALA A 68 -10.42 -3.82 14.03
CA ALA A 68 -10.76 -2.71 13.13
C ALA A 68 -10.63 -1.30 13.79
N THR A 69 -10.10 -0.35 13.02
CA THR A 69 -10.16 1.11 13.34
C THR A 69 -10.74 1.84 12.14
N LEU A 70 -11.76 2.65 12.39
CA LEU A 70 -12.53 3.34 11.34
C LEU A 70 -12.25 4.85 11.36
N THR A 71 -11.88 5.38 10.20
CA THR A 71 -11.70 6.81 10.03
C THR A 71 -12.30 7.26 8.69
N VAL A 72 -12.35 8.58 8.52
CA VAL A 72 -12.64 9.22 7.23
C VAL A 72 -11.67 10.40 6.94
N ASP A 73 -11.47 10.74 5.67
CA ASP A 73 -11.03 12.10 5.32
C ASP A 73 -12.19 12.85 4.62
N LYS A 74 -12.62 13.95 5.23
CA LYS A 74 -13.73 14.71 4.69
C LYS A 74 -13.43 15.33 3.34
N SER A 75 -12.17 15.77 3.18
CA SER A 75 -11.80 16.50 1.97
C SER A 75 -11.72 15.62 0.72
N SER A 76 -11.52 14.32 0.89
CA SER A 76 -11.43 13.31 -0.19
C SER A 76 -12.69 12.43 -0.33
N SER A 77 -13.67 12.63 0.56
CA SER A 77 -14.89 11.80 0.59
C SER A 77 -14.57 10.30 0.72
N THR A 78 -13.67 9.96 1.63
CA THR A 78 -13.13 8.63 1.70
C THR A 78 -13.24 8.06 3.10
N ALA A 79 -13.82 6.87 3.18
CA ALA A 79 -13.87 6.10 4.41
C ALA A 79 -12.74 5.06 4.42
N TYR A 80 -12.15 4.84 5.61
CA TYR A 80 -11.06 3.89 5.75
C TYR A 80 -11.25 2.97 6.93
N MET A 81 -10.62 1.80 6.83
CA MET A 81 -10.58 0.83 7.89
C MET A 81 -9.21 0.16 7.97
N GLN A 82 -8.65 0.10 9.16
CA GLN A 82 -7.37 -0.50 9.39
C GLN A 82 -7.66 -1.82 10.08
N LEU A 83 -7.12 -2.89 9.54
CA LEU A 83 -7.11 -4.18 10.23
C LEU A 83 -5.70 -4.37 10.84
N SER A 84 -5.60 -4.39 12.16
CA SER A 84 -4.31 -4.58 12.81
C SER A 84 -3.83 -6.04 12.72
N SER A 85 -2.51 -6.19 12.85
CA SER A 85 -1.80 -7.47 12.93
C SER A 85 -2.51 -8.64 12.25
N PRO A 86 -2.72 -8.55 10.91
CA PRO A 86 -3.43 -9.55 10.08
C PRO A 86 -3.05 -11.03 10.23
N THR A 87 -4.06 -11.92 10.33
CA THR A 87 -3.85 -13.38 10.29
C THR A 87 -4.69 -14.02 9.15
N SER A 88 -4.60 -15.34 8.97
CA SER A 88 -5.43 -15.99 7.92
C SER A 88 -6.94 -15.95 8.19
N GLU A 89 -7.33 -15.74 9.45
CA GLU A 89 -8.75 -15.44 9.76
C GLU A 89 -9.23 -14.10 9.20
N ASP A 90 -8.28 -13.23 8.88
CA ASP A 90 -8.58 -11.95 8.25
C ASP A 90 -8.70 -11.95 6.72
N SER A 91 -8.45 -13.08 6.05
CA SER A 91 -8.77 -13.19 4.60
C SER A 91 -10.26 -13.20 4.33
N ALA A 92 -10.73 -12.27 3.53
CA ALA A 92 -12.16 -12.17 3.23
C ALA A 92 -12.43 -11.10 2.16
N VAL A 93 -13.67 -11.03 1.65
CA VAL A 93 -14.13 -9.78 1.00
C VAL A 93 -14.57 -8.79 2.10
N TYR A 94 -14.10 -7.55 2.01
CA TYR A 94 -14.64 -6.52 2.90
C TYR A 94 -15.41 -5.49 2.08
N TYR A 95 -16.68 -5.28 2.46
CA TYR A 95 -17.56 -4.28 1.84
C TYR A 95 -17.81 -3.02 2.67
N CYS A 96 -17.86 -1.85 2.04
CA CYS A 96 -18.46 -0.67 2.68
C CYS A 96 -19.90 -0.54 2.16
N ALA A 97 -20.83 -0.08 2.99
CA ALA A 97 -22.24 0.16 2.60
C ALA A 97 -22.81 1.35 3.36
N ARG A 98 -23.57 2.20 2.69
CA ARG A 98 -24.17 3.34 3.39
C ARG A 98 -25.68 3.27 3.48
N LEU A 99 -26.24 3.94 4.50
CA LEU A 99 -27.70 3.87 4.78
C LEU A 99 -28.56 4.77 3.88
N LYS A 100 -29.82 4.37 3.70
CA LYS A 100 -30.82 5.19 3.05
C LYS A 100 -31.05 6.49 3.85
N PRO A 101 -31.23 7.64 3.15
CA PRO A 101 -31.64 8.87 3.83
C PRO A 101 -32.96 8.70 4.60
N GLY A 102 -32.93 8.96 5.90
CA GLY A 102 -34.12 8.84 6.75
C GLY A 102 -34.50 7.39 6.99
N GLY A 103 -33.51 6.51 6.99
CA GLY A 103 -33.75 5.09 7.22
C GLY A 103 -32.59 4.37 7.86
N THR A 104 -32.82 3.12 8.25
CA THR A 104 -31.82 2.30 8.94
C THR A 104 -31.23 1.17 8.05
N TRP A 105 -31.78 1.04 6.82
CA TRP A 105 -31.40 0.00 5.85
C TRP A 105 -30.26 0.30 4.84
N PHE A 106 -29.38 -0.69 4.63
CA PHE A 106 -28.17 -0.60 3.73
C PHE A 106 -28.47 -0.66 2.22
N ALA A 107 -28.94 0.44 1.65
CA ALA A 107 -29.40 0.51 0.26
C ALA A 107 -28.26 0.56 -0.75
N TYR A 108 -27.12 1.14 -0.36
CA TYR A 108 -25.96 1.29 -1.29
C TYR A 108 -24.69 0.56 -0.85
N TRP A 109 -24.08 -0.21 -1.75
CA TRP A 109 -22.91 -1.05 -1.39
C TRP A 109 -21.69 -0.83 -2.29
N GLY A 110 -20.51 -1.03 -1.73
CA GLY A 110 -19.36 -1.08 -2.60
C GLY A 110 -19.25 -2.44 -3.26
N GLN A 111 -18.27 -2.57 -4.14
CA GLN A 111 -18.04 -3.87 -4.81
C GLN A 111 -17.12 -4.83 -4.02
N GLY A 112 -16.59 -4.38 -2.86
CA GLY A 112 -15.78 -5.24 -2.01
C GLY A 112 -14.31 -5.31 -2.40
N THR A 113 -13.43 -5.19 -1.40
CA THR A 113 -11.98 -5.47 -1.55
C THR A 113 -11.66 -6.88 -1.05
N LEU A 114 -11.07 -7.70 -1.93
CA LEU A 114 -10.65 -9.06 -1.55
C LEU A 114 -9.25 -9.05 -0.90
N VAL A 115 -9.20 -9.39 0.38
CA VAL A 115 -7.95 -9.44 1.08
C VAL A 115 -7.54 -10.90 1.26
N THR A 116 -6.25 -11.18 0.95
CA THR A 116 -5.60 -12.46 1.15
C THR A 116 -4.43 -12.22 2.02
N VAL A 117 -4.42 -12.86 3.19
CA VAL A 117 -3.36 -12.74 4.17
C VAL A 117 -2.49 -14.00 4.05
N SER A 118 -1.27 -13.84 3.52
CA SER A 118 -0.43 -14.99 3.10
C SER A 118 0.99 -14.59 2.87
N ALA A 119 1.89 -15.44 3.32
CA ALA A 119 3.33 -15.29 3.13
C ALA A 119 3.82 -15.86 1.78
N ALA A 120 2.94 -16.57 1.08
CA ALA A 120 3.31 -17.24 -0.17
C ALA A 120 3.76 -16.20 -1.17
N LYS A 121 4.50 -16.65 -2.19
CA LYS A 121 5.17 -15.78 -3.15
C LYS A 121 4.30 -15.47 -4.37
N THR A 122 4.26 -14.21 -4.78
CA THR A 122 3.46 -13.85 -5.97
C THR A 122 4.01 -14.58 -7.21
N THR A 123 3.13 -15.13 -8.04
CA THR A 123 3.63 -15.93 -9.16
C THR A 123 2.75 -15.81 -10.40
N ALA A 124 3.41 -15.66 -11.54
CA ALA A 124 2.76 -15.55 -12.84
C ALA A 124 2.28 -16.91 -13.32
N PRO A 125 1.13 -16.93 -14.01
CA PRO A 125 0.55 -18.13 -14.59
C PRO A 125 1.32 -18.54 -15.84
N SER A 126 1.03 -19.75 -16.33
CA SER A 126 1.37 -20.17 -17.67
C SER A 126 0.06 -20.26 -18.46
N VAL A 127 0.06 -19.89 -19.73
CA VAL A 127 -1.18 -20.01 -20.51
C VAL A 127 -0.98 -21.03 -21.64
N TYR A 128 -1.72 -22.12 -21.55
CA TYR A 128 -1.59 -23.25 -22.44
C TYR A 128 -2.92 -23.36 -23.22
N PRO A 129 -2.88 -23.69 -24.54
CA PRO A 129 -4.10 -23.77 -25.37
C PRO A 129 -4.67 -25.19 -25.44
N LEU A 130 -5.98 -25.32 -25.37
CA LEU A 130 -6.63 -26.62 -25.43
C LEU A 130 -7.35 -26.72 -26.78
N ALA A 131 -6.65 -27.30 -27.74
CA ALA A 131 -7.18 -27.52 -29.08
C ALA A 131 -7.78 -28.91 -29.15
N PRO A 132 -8.86 -29.09 -29.94
CA PRO A 132 -9.56 -30.35 -30.02
C PRO A 132 -8.68 -31.52 -30.42
N VAL A 133 -9.16 -32.73 -30.16
CA VAL A 133 -8.46 -33.96 -30.53
C VAL A 133 -8.35 -34.15 -32.07
N CYS A 134 -7.53 -35.12 -32.47
CA CYS A 134 -7.31 -35.47 -33.87
C CYS A 134 -8.57 -35.94 -34.61
N GLY A 135 -8.77 -35.40 -35.81
CA GLY A 135 -9.80 -35.94 -36.70
C GLY A 135 -10.89 -34.97 -37.14
N ASP A 136 -11.62 -35.38 -38.17
CA ASP A 136 -12.71 -34.62 -38.75
C ASP A 136 -13.88 -34.44 -37.79
N THR A 137 -14.61 -33.35 -37.94
CA THR A 137 -15.77 -33.04 -37.07
C THR A 137 -17.04 -33.66 -37.64
N THR A 138 -17.84 -34.26 -36.76
CA THR A 138 -19.09 -34.88 -37.18
C THR A 138 -20.35 -34.32 -36.48
N GLY A 139 -20.17 -33.29 -35.65
CA GLY A 139 -21.27 -32.64 -34.92
C GLY A 139 -21.45 -31.18 -35.28
N SER A 140 -22.46 -30.53 -34.73
CA SER A 140 -22.76 -29.16 -35.12
C SER A 140 -21.93 -28.12 -34.38
N SER A 141 -21.03 -28.59 -33.49
CA SER A 141 -20.26 -27.68 -32.63
C SER A 141 -18.85 -28.18 -32.30
N VAL A 142 -17.99 -27.24 -31.92
CA VAL A 142 -16.61 -27.51 -31.56
C VAL A 142 -16.45 -26.88 -30.19
N THR A 143 -15.70 -27.55 -29.30
CA THR A 143 -15.34 -27.00 -28.01
C THR A 143 -13.79 -26.88 -27.92
N LEU A 144 -13.33 -25.68 -27.61
CA LEU A 144 -11.91 -25.41 -27.40
C LEU A 144 -11.72 -24.92 -25.96
N GLY A 145 -10.48 -24.80 -25.51
CA GLY A 145 -10.23 -24.38 -24.13
C GLY A 145 -8.95 -23.61 -23.86
N CYS A 146 -8.86 -23.05 -22.67
CA CYS A 146 -7.65 -22.35 -22.22
C CYS A 146 -7.26 -22.78 -20.77
N LEU A 147 -5.99 -23.12 -20.53
CA LEU A 147 -5.56 -23.53 -19.19
C LEU A 147 -4.60 -22.51 -18.58
N VAL A 148 -4.95 -22.01 -17.39
CA VAL A 148 -4.17 -20.99 -16.69
C VAL A 148 -3.49 -21.60 -15.45
N LYS A 149 -2.20 -21.89 -15.55
CA LYS A 149 -1.59 -22.77 -14.56
C LYS A 149 -0.57 -22.16 -13.61
N GLY A 150 -0.84 -22.33 -12.31
CA GLY A 150 0.14 -22.05 -11.27
C GLY A 150 0.43 -20.60 -10.99
N TYR A 151 -0.62 -19.83 -10.65
CA TYR A 151 -0.48 -18.42 -10.29
C TYR A 151 -0.92 -18.12 -8.83
N PHE A 152 -0.42 -17.00 -8.30
CA PHE A 152 -0.75 -16.56 -6.96
C PHE A 152 -0.53 -15.07 -6.80
N PRO A 153 -1.47 -14.35 -6.12
CA PRO A 153 -2.77 -14.76 -5.55
C PRO A 153 -3.88 -14.61 -6.58
N GLU A 154 -5.12 -14.67 -6.13
CA GLU A 154 -6.27 -14.30 -6.95
C GLU A 154 -6.30 -12.79 -7.10
N PRO A 155 -7.01 -12.27 -8.15
CA PRO A 155 -7.62 -13.03 -9.26
C PRO A 155 -6.84 -13.01 -10.59
N VAL A 156 -7.40 -13.72 -11.57
CA VAL A 156 -7.10 -13.50 -12.99
C VAL A 156 -8.37 -13.06 -13.75
N THR A 157 -8.21 -12.39 -14.90
CA THR A 157 -9.36 -12.21 -15.82
C THR A 157 -9.14 -12.97 -17.12
N LEU A 158 -10.19 -13.60 -17.62
CA LEU A 158 -10.14 -14.31 -18.89
C LEU A 158 -11.28 -13.90 -19.81
N THR A 159 -10.93 -13.59 -21.06
CA THR A 159 -11.93 -13.28 -22.11
C THR A 159 -11.61 -14.09 -23.37
N TRP A 160 -12.59 -14.19 -24.25
CA TRP A 160 -12.47 -14.84 -25.56
C TRP A 160 -12.69 -13.85 -26.69
N ASN A 161 -11.70 -13.77 -27.58
CA ASN A 161 -11.66 -12.82 -28.72
C ASN A 161 -11.91 -11.39 -28.29
N SER A 162 -11.16 -10.94 -27.28
CA SER A 162 -11.29 -9.60 -26.69
C SER A 162 -12.60 -9.35 -26.00
N GLY A 163 -13.35 -10.41 -25.74
CA GLY A 163 -14.66 -10.26 -25.13
C GLY A 163 -15.80 -10.13 -26.13
N SER A 164 -15.48 -10.20 -27.41
CA SER A 164 -16.50 -10.16 -28.43
C SER A 164 -17.19 -11.52 -28.59
N LEU A 165 -16.65 -12.51 -27.89
CA LEU A 165 -17.19 -13.87 -27.87
C LEU A 165 -17.47 -14.24 -26.40
N SER A 166 -18.76 -14.19 -26.06
CA SER A 166 -19.19 -14.22 -24.68
C SER A 166 -20.21 -15.32 -24.40
N SER A 167 -21.02 -15.69 -25.38
CA SER A 167 -21.96 -16.79 -25.15
C SER A 167 -21.30 -18.15 -25.48
N GLY A 168 -21.70 -19.18 -24.73
CA GLY A 168 -21.14 -20.52 -24.87
C GLY A 168 -19.81 -20.68 -24.14
N VAL A 169 -19.57 -19.83 -23.15
CA VAL A 169 -18.30 -19.80 -22.42
C VAL A 169 -18.46 -20.28 -20.99
N HIS A 170 -17.54 -21.11 -20.51
CA HIS A 170 -17.51 -21.55 -19.11
C HIS A 170 -16.14 -21.40 -18.58
N THR A 171 -16.02 -20.47 -17.65
CA THR A 171 -14.78 -20.25 -16.98
C THR A 171 -14.92 -20.77 -15.58
N PHE A 172 -14.04 -21.71 -15.20
CA PHE A 172 -14.22 -22.48 -13.98
C PHE A 172 -13.47 -21.89 -12.80
N PRO A 173 -14.04 -22.02 -11.59
CA PRO A 173 -13.41 -21.67 -10.34
C PRO A 173 -12.00 -22.24 -10.18
N ALA A 174 -11.05 -21.40 -9.77
CA ALA A 174 -9.68 -21.82 -9.51
C ALA A 174 -9.59 -22.89 -8.40
N VAL A 175 -8.50 -23.67 -8.40
CA VAL A 175 -8.22 -24.68 -7.39
C VAL A 175 -6.87 -24.33 -6.79
N LEU A 176 -6.82 -24.18 -5.48
CA LEU A 176 -5.54 -23.97 -4.81
C LEU A 176 -4.94 -25.32 -4.39
N GLN A 177 -3.73 -25.57 -4.88
CA GLN A 177 -2.92 -26.70 -4.45
C GLN A 177 -1.53 -26.17 -4.17
N SER A 178 -0.99 -26.61 -3.03
CA SER A 178 0.25 -26.13 -2.51
C SER A 178 -0.05 -24.64 -2.37
N ASP A 179 0.68 -23.76 -3.02
CA ASP A 179 0.31 -22.34 -2.83
C ASP A 179 0.06 -21.62 -4.12
N LEU A 180 -0.41 -22.40 -5.09
CA LEU A 180 -0.62 -21.95 -6.46
C LEU A 180 -2.03 -22.28 -6.92
N TYR A 181 -2.57 -21.38 -7.72
CA TYR A 181 -3.91 -21.51 -8.27
C TYR A 181 -3.86 -22.02 -9.70
N THR A 182 -4.87 -22.81 -10.11
CA THR A 182 -5.06 -23.21 -11.51
C THR A 182 -6.55 -23.15 -11.89
N LEU A 183 -6.86 -22.51 -13.02
CA LEU A 183 -8.21 -22.54 -13.61
C LEU A 183 -8.12 -22.84 -15.09
N SER A 184 -9.27 -23.19 -15.66
CA SER A 184 -9.44 -23.37 -17.10
C SER A 184 -10.78 -22.79 -17.57
N SER A 185 -10.83 -22.45 -18.86
CA SER A 185 -12.05 -21.97 -19.55
C SER A 185 -12.35 -22.79 -20.83
N SER A 186 -13.63 -23.00 -21.11
CA SER A 186 -14.05 -23.59 -22.39
C SER A 186 -14.95 -22.62 -23.18
N VAL A 187 -15.00 -22.81 -24.51
CA VAL A 187 -15.85 -22.05 -25.41
C VAL A 187 -16.36 -23.03 -26.42
N THR A 188 -17.65 -22.95 -26.68
CA THR A 188 -18.29 -23.70 -27.75
C THR A 188 -18.71 -22.71 -28.82
N VAL A 189 -18.44 -23.10 -30.08
CA VAL A 189 -18.85 -22.36 -31.29
C VAL A 189 -19.37 -23.35 -32.32
N THR A 190 -20.14 -22.86 -33.30
CA THR A 190 -20.70 -23.68 -34.37
C THR A 190 -19.57 -24.18 -35.24
N SER A 191 -19.57 -25.49 -35.54
CA SER A 191 -18.43 -26.12 -36.19
C SER A 191 -18.11 -25.60 -37.61
N SER A 192 -19.05 -24.91 -38.25
CA SER A 192 -18.85 -24.33 -39.57
C SER A 192 -17.88 -23.13 -39.55
N THR A 193 -17.71 -22.53 -38.37
CA THR A 193 -16.96 -21.29 -38.19
C THR A 193 -15.57 -21.48 -37.57
N TRP A 194 -15.13 -22.72 -37.39
CA TRP A 194 -13.73 -22.97 -36.96
C TRP A 194 -13.16 -24.13 -37.75
N PRO A 195 -11.92 -23.97 -38.28
CA PRO A 195 -10.98 -22.88 -38.06
C PRO A 195 -11.08 -21.61 -38.93
N SER A 196 -12.12 -21.44 -39.74
CA SER A 196 -12.20 -20.21 -40.58
C SER A 196 -12.25 -18.87 -39.76
N GLN A 197 -12.82 -18.92 -38.56
CA GLN A 197 -12.75 -17.79 -37.63
C GLN A 197 -11.84 -18.10 -36.43
N SER A 198 -10.75 -17.35 -36.32
CA SER A 198 -9.74 -17.61 -35.32
C SER A 198 -10.31 -17.38 -33.92
N ILE A 199 -9.83 -18.17 -32.95
CA ILE A 199 -10.30 -18.05 -31.59
C ILE A 199 -9.08 -17.87 -30.71
N THR A 200 -9.14 -16.87 -29.80
CA THR A 200 -8.04 -16.48 -28.91
C THR A 200 -8.53 -16.24 -27.46
N CYS A 201 -7.88 -16.85 -26.46
CA CYS A 201 -8.15 -16.52 -25.03
C CYS A 201 -7.25 -15.38 -24.58
N ASN A 202 -7.85 -14.44 -23.86
CA ASN A 202 -7.13 -13.29 -23.32
C ASN A 202 -7.07 -13.43 -21.79
N VAL A 203 -5.87 -13.47 -21.24
CA VAL A 203 -5.71 -13.82 -19.83
C VAL A 203 -4.93 -12.69 -19.17
N ALA A 204 -5.40 -12.20 -18.02
CA ALA A 204 -4.62 -11.20 -17.28
C ALA A 204 -4.41 -11.58 -15.82
N HIS A 205 -3.18 -11.50 -15.36
CA HIS A 205 -2.92 -11.67 -13.93
C HIS A 205 -2.24 -10.39 -13.43
N PRO A 206 -3.04 -9.42 -12.92
CA PRO A 206 -2.47 -8.08 -12.65
C PRO A 206 -1.46 -7.99 -11.50
N ALA A 207 -1.56 -8.90 -10.52
CA ALA A 207 -0.54 -9.04 -9.48
C ALA A 207 0.89 -9.20 -10.03
N SER A 208 1.01 -9.91 -11.17
CA SER A 208 2.30 -10.18 -11.80
C SER A 208 2.51 -9.40 -13.13
N SER A 209 1.57 -8.48 -13.42
CA SER A 209 1.61 -7.64 -14.61
C SER A 209 1.61 -8.51 -15.88
N THR A 210 0.96 -9.66 -15.79
CA THR A 210 0.84 -10.62 -16.90
C THR A 210 -0.36 -10.27 -17.78
N LYS A 211 -0.11 -10.08 -19.07
CA LYS A 211 -1.21 -9.92 -20.06
C LYS A 211 -0.92 -10.76 -21.30
N VAL A 212 -1.64 -11.87 -21.46
CA VAL A 212 -1.35 -12.82 -22.53
C VAL A 212 -2.57 -13.10 -23.39
N ASP A 213 -2.39 -13.08 -24.70
CA ASP A 213 -3.42 -13.48 -25.66
C ASP A 213 -2.93 -14.72 -26.40
N LYS A 214 -3.52 -15.89 -26.11
CA LYS A 214 -3.06 -17.16 -26.65
C LYS A 214 -4.01 -17.62 -27.77
N LYS A 215 -3.46 -17.81 -28.99
CA LYS A 215 -4.24 -18.22 -30.14
C LYS A 215 -4.39 -19.74 -30.11
N ILE A 216 -5.59 -20.25 -30.36
CA ILE A 216 -5.82 -21.69 -30.45
C ILE A 216 -5.62 -22.17 -31.90
N GLU A 217 -4.50 -22.84 -32.16
CA GLU A 217 -4.19 -23.42 -33.47
C GLU A 217 -4.82 -24.81 -33.59
N PRO A 218 -5.29 -25.19 -34.80
CA PRO A 218 -5.63 -26.60 -35.02
C PRO A 218 -4.38 -27.50 -35.06
N ASP B 1 -28.02 -8.84 21.64
CA ASP B 1 -27.23 -9.32 20.46
C ASP B 1 -28.02 -10.42 19.79
N ILE B 2 -28.77 -10.03 18.76
CA ILE B 2 -29.90 -10.77 18.15
C ILE B 2 -29.49 -11.85 17.13
N VAL B 3 -29.81 -13.11 17.41
CA VAL B 3 -29.55 -14.17 16.44
C VAL B 3 -30.70 -14.33 15.47
N LEU B 4 -30.36 -14.37 14.19
CA LEU B 4 -31.33 -14.67 13.14
C LEU B 4 -31.09 -16.07 12.61
N THR B 5 -32.15 -16.88 12.63
CA THR B 5 -32.10 -18.27 12.21
C THR B 5 -32.87 -18.32 10.88
N GLN B 6 -32.15 -18.61 9.80
CA GLN B 6 -32.72 -18.70 8.47
C GLN B 6 -33.05 -20.15 8.10
N SER B 7 -34.23 -20.39 7.53
CA SER B 7 -34.63 -21.72 7.01
C SER B 7 -35.37 -21.61 5.67
N PRO B 8 -35.23 -22.64 4.78
CA PRO B 8 -34.27 -23.74 4.93
C PRO B 8 -32.92 -23.21 4.44
N ALA B 9 -31.88 -24.03 4.52
CA ALA B 9 -30.53 -23.60 4.20
C ALA B 9 -30.34 -23.63 2.71
N SER B 10 -30.95 -24.61 2.04
CA SER B 10 -30.97 -24.64 0.59
C SER B 10 -32.34 -25.04 0.12
N LEU B 11 -32.71 -24.65 -1.10
CA LEU B 11 -34.05 -24.94 -1.62
C LEU B 11 -34.11 -24.99 -3.15
N THR B 12 -34.69 -26.05 -3.68
CA THR B 12 -34.82 -26.18 -5.13
C THR B 12 -36.27 -26.05 -5.57
N VAL B 13 -36.55 -25.03 -6.40
CA VAL B 13 -37.90 -24.79 -6.89
C VAL B 13 -37.95 -24.77 -8.44
N SER B 14 -39.06 -25.22 -9.00
CA SER B 14 -39.31 -25.17 -10.45
C SER B 14 -39.74 -23.80 -10.94
N LEU B 15 -39.39 -23.51 -12.20
CA LEU B 15 -39.72 -22.25 -12.88
C LEU B 15 -41.21 -22.03 -12.95
N GLY B 16 -41.68 -20.89 -12.46
CA GLY B 16 -43.10 -20.60 -12.46
C GLY B 16 -43.77 -20.82 -11.11
N GLN B 17 -43.08 -21.49 -10.22
CA GLN B 17 -43.59 -21.80 -8.89
C GLN B 17 -43.14 -20.75 -7.87
N ARG B 18 -43.75 -20.75 -6.69
CA ARG B 18 -43.40 -19.80 -5.61
C ARG B 18 -42.30 -20.32 -4.70
N ALA B 19 -41.40 -19.45 -4.28
CA ALA B 19 -40.40 -19.79 -3.23
C ALA B 19 -40.69 -19.10 -1.90
N THR B 20 -40.56 -19.84 -0.79
CA THR B 20 -40.84 -19.31 0.54
C THR B 20 -39.62 -19.49 1.50
N ILE B 21 -39.08 -18.38 1.96
CA ILE B 21 -37.84 -18.36 2.73
C ILE B 21 -38.12 -17.66 4.06
N SER B 22 -37.68 -18.27 5.17
CA SER B 22 -38.03 -17.76 6.51
C SER B 22 -36.86 -17.32 7.35
N CYS B 23 -37.19 -16.62 8.41
CA CYS B 23 -36.22 -15.97 9.28
C CYS B 23 -36.84 -15.64 10.64
N ARG B 24 -36.10 -15.99 11.69
CA ARG B 24 -36.59 -15.97 13.04
C ARG B 24 -35.56 -15.28 13.92
N ALA B 25 -36.00 -14.21 14.60
CA ALA B 25 -35.12 -13.44 15.47
C ALA B 25 -35.23 -13.92 16.90
N SER B 26 -34.08 -13.98 17.57
CA SER B 26 -34.06 -14.34 19.01
C SER B 26 -34.81 -13.35 19.94
N LYS B 27 -35.10 -12.14 19.46
CA LYS B 27 -35.98 -11.21 20.18
C LYS B 27 -36.70 -10.27 19.18
N SER B 28 -37.69 -9.53 19.67
CA SER B 28 -38.48 -8.66 18.83
C SER B 28 -37.62 -7.62 18.14
N VAL B 29 -37.87 -7.41 16.87
CA VAL B 29 -37.15 -6.44 16.06
C VAL B 29 -38.01 -5.19 15.74
N ASP B 30 -39.14 -5.07 16.43
CA ASP B 30 -40.11 -4.00 16.21
C ASP B 30 -39.95 -2.81 17.18
N SER B 31 -40.29 -1.62 16.67
CA SER B 31 -40.32 -0.41 17.46
C SER B 31 -41.34 0.49 16.81
N TYR B 32 -42.26 1.06 17.61
CA TYR B 32 -43.28 1.99 17.10
C TYR B 32 -44.11 1.47 15.89
N GLY B 33 -44.42 0.17 15.90
CA GLY B 33 -45.26 -0.43 14.86
C GLY B 33 -44.65 -0.77 13.49
N ASN B 34 -43.31 -0.71 13.39
CA ASN B 34 -42.55 -1.14 12.20
C ASN B 34 -41.57 -2.22 12.63
N SER B 35 -41.25 -3.15 11.73
CA SER B 35 -40.27 -4.22 11.95
C SER B 35 -38.92 -3.88 11.28
N PHE B 36 -37.85 -3.95 12.05
CA PHE B 36 -36.56 -3.52 11.50
C PHE B 36 -35.76 -4.68 10.89
N MET B 37 -36.30 -5.20 9.78
CA MET B 37 -35.90 -6.40 9.06
C MET B 37 -35.81 -6.20 7.51
N GLU B 38 -34.63 -6.50 6.97
CA GLU B 38 -34.34 -6.39 5.53
C GLU B 38 -34.05 -7.74 4.88
N TRP B 39 -34.36 -7.82 3.58
CA TRP B 39 -33.88 -8.93 2.77
C TRP B 39 -32.95 -8.55 1.61
N TYR B 40 -31.98 -9.42 1.33
CA TYR B 40 -30.99 -9.23 0.26
C TYR B 40 -30.86 -10.44 -0.70
N GLN B 41 -30.61 -10.14 -1.97
CA GLN B 41 -30.19 -11.12 -2.97
C GLN B 41 -28.67 -10.96 -3.14
N GLN B 42 -27.90 -12.04 -3.08
CA GLN B 42 -26.49 -11.96 -3.44
C GLN B 42 -26.12 -13.00 -4.49
N LYS B 43 -25.65 -12.51 -5.65
CA LYS B 43 -25.24 -13.40 -6.77
C LYS B 43 -23.71 -13.53 -6.76
N PRO B 44 -23.17 -14.66 -7.24
CA PRO B 44 -21.73 -14.88 -7.09
C PRO B 44 -20.88 -13.73 -7.63
N GLY B 45 -19.90 -13.31 -6.83
CA GLY B 45 -18.97 -12.23 -7.23
C GLY B 45 -19.53 -10.82 -7.12
N GLN B 46 -20.76 -10.70 -6.62
CA GLN B 46 -21.38 -9.40 -6.38
C GLN B 46 -21.68 -9.07 -4.89
N PRO B 47 -21.79 -7.76 -4.56
CA PRO B 47 -22.38 -7.31 -3.28
C PRO B 47 -23.79 -7.84 -3.07
N PRO B 48 -24.23 -7.90 -1.80
CA PRO B 48 -25.66 -8.18 -1.57
C PRO B 48 -26.48 -7.05 -2.18
N LYS B 49 -27.65 -7.40 -2.70
CA LYS B 49 -28.54 -6.43 -3.31
C LYS B 49 -29.85 -6.35 -2.48
N LEU B 50 -30.22 -5.13 -2.08
CA LEU B 50 -31.37 -4.95 -1.21
C LEU B 50 -32.68 -5.14 -1.99
N LEU B 51 -33.48 -6.12 -1.55
CA LEU B 51 -34.86 -6.42 -2.08
C LEU B 51 -36.00 -5.77 -1.29
N ILE B 52 -36.02 -5.99 0.02
CA ILE B 52 -37.09 -5.52 0.90
C ILE B 52 -36.50 -4.83 2.12
N TYR B 53 -37.07 -3.69 2.51
CA TYR B 53 -36.70 -3.03 3.78
C TYR B 53 -37.96 -2.87 4.62
N ARG B 54 -37.76 -2.76 5.92
CA ARG B 54 -38.80 -2.69 6.93
C ARG B 54 -39.85 -3.84 6.84
N ALA B 55 -39.37 -5.08 6.73
CA ALA B 55 -40.21 -6.30 6.57
C ALA B 55 -41.03 -6.39 5.28
N SER B 56 -41.58 -5.28 4.80
CA SER B 56 -42.53 -5.39 3.68
C SER B 56 -42.46 -4.40 2.56
N ASN B 57 -41.52 -3.48 2.63
CA ASN B 57 -41.42 -2.43 1.64
C ASN B 57 -40.45 -2.79 0.52
N LEU B 58 -40.97 -2.76 -0.72
CA LEU B 58 -40.23 -3.19 -1.89
C LEU B 58 -39.33 -2.04 -2.33
N GLU B 59 -38.03 -2.32 -2.34
CA GLU B 59 -37.02 -1.38 -2.73
C GLU B 59 -37.23 -0.97 -4.21
N SER B 60 -37.00 0.30 -4.53
CA SER B 60 -36.95 0.77 -5.92
C SER B 60 -36.01 -0.06 -6.81
N GLY B 61 -36.47 -0.27 -8.06
CA GLY B 61 -35.75 -1.02 -9.07
C GLY B 61 -36.01 -2.51 -8.98
N ILE B 62 -36.67 -2.95 -7.91
CA ILE B 62 -36.90 -4.38 -7.66
C ILE B 62 -38.30 -4.76 -8.15
N PRO B 63 -38.41 -5.87 -8.91
CA PRO B 63 -39.71 -6.33 -9.43
C PRO B 63 -40.63 -6.86 -8.31
N ALA B 64 -41.93 -6.63 -8.44
CA ALA B 64 -42.89 -6.96 -7.38
C ALA B 64 -43.11 -8.47 -7.23
N ARG B 65 -42.36 -9.27 -8.01
CA ARG B 65 -42.30 -10.73 -7.83
C ARG B 65 -41.81 -11.09 -6.43
N PHE B 66 -41.07 -10.15 -5.82
CA PHE B 66 -40.58 -10.26 -4.43
C PHE B 66 -41.47 -9.55 -3.42
N SER B 67 -41.80 -10.25 -2.34
CA SER B 67 -42.59 -9.67 -1.27
C SER B 67 -42.09 -10.17 0.11
N GLY B 68 -42.29 -9.35 1.13
CA GLY B 68 -41.97 -9.69 2.50
C GLY B 68 -43.19 -9.49 3.38
N SER B 69 -43.35 -10.35 4.39
CA SER B 69 -44.32 -10.19 5.48
C SER B 69 -43.76 -10.69 6.85
N GLY B 70 -44.51 -10.42 7.93
CA GLY B 70 -44.09 -10.75 9.29
C GLY B 70 -44.02 -9.57 10.27
N SER B 71 -43.89 -9.89 11.55
CA SER B 71 -43.77 -8.88 12.57
C SER B 71 -43.15 -9.60 13.74
N ARG B 72 -42.74 -8.78 14.71
CA ARG B 72 -42.06 -9.20 15.95
C ARG B 72 -40.77 -10.03 15.77
N THR B 73 -40.91 -11.35 15.66
CA THR B 73 -39.75 -12.25 15.54
C THR B 73 -39.82 -13.17 14.29
N ASP B 74 -40.97 -13.25 13.60
CA ASP B 74 -41.09 -14.15 12.43
C ASP B 74 -41.33 -13.42 11.13
N PHE B 75 -40.53 -13.73 10.12
CA PHE B 75 -40.52 -13.00 8.86
C PHE B 75 -40.44 -13.93 7.67
N THR B 76 -40.94 -13.49 6.53
CA THR B 76 -41.07 -14.35 5.35
C THR B 76 -40.72 -13.59 4.10
N LEU B 77 -39.84 -14.17 3.27
CA LEU B 77 -39.65 -13.73 1.90
C LEU B 77 -40.34 -14.71 0.96
N THR B 78 -41.20 -14.17 0.09
CA THR B 78 -41.81 -14.95 -0.98
C THR B 78 -41.28 -14.40 -2.31
N ILE B 79 -41.01 -15.30 -3.26
CA ILE B 79 -40.70 -14.97 -4.66
C ILE B 79 -41.66 -15.75 -5.52
N ASN B 80 -42.34 -15.07 -6.45
CA ASN B 80 -43.44 -15.74 -7.14
C ASN B 80 -43.89 -14.95 -8.36
N PRO B 81 -43.86 -15.59 -9.55
CA PRO B 81 -43.22 -16.90 -9.78
C PRO B 81 -41.69 -16.79 -9.84
N VAL B 82 -40.99 -17.89 -9.53
CA VAL B 82 -39.51 -17.95 -9.65
C VAL B 82 -39.08 -18.01 -11.14
N GLU B 83 -38.03 -17.24 -11.49
CA GLU B 83 -37.51 -17.14 -12.87
C GLU B 83 -36.07 -17.64 -12.91
N ALA B 84 -35.50 -17.78 -14.12
CA ALA B 84 -34.19 -18.41 -14.30
C ALA B 84 -33.13 -17.66 -13.51
N ASP B 85 -33.23 -16.34 -13.57
CA ASP B 85 -32.26 -15.40 -13.00
C ASP B 85 -32.35 -15.29 -11.48
N ASP B 86 -33.16 -16.10 -10.82
CA ASP B 86 -33.24 -15.98 -9.38
C ASP B 86 -32.24 -16.91 -8.67
N VAL B 87 -31.37 -17.61 -9.41
CA VAL B 87 -30.27 -18.29 -8.76
C VAL B 87 -29.46 -17.32 -7.91
N ALA B 88 -29.50 -17.56 -6.60
CA ALA B 88 -28.78 -16.71 -5.67
C ALA B 88 -28.84 -17.35 -4.30
N THR B 89 -28.05 -16.78 -3.38
CA THR B 89 -28.22 -16.89 -1.95
C THR B 89 -28.91 -15.63 -1.44
N TYR B 90 -29.92 -15.83 -0.58
CA TYR B 90 -30.76 -14.74 -0.05
C TYR B 90 -30.51 -14.62 1.45
N TYR B 91 -30.43 -13.40 1.98
CA TYR B 91 -30.08 -13.19 3.41
C TYR B 91 -31.03 -12.19 4.06
N CYS B 92 -31.45 -12.47 5.31
CA CYS B 92 -32.20 -11.51 6.15
C CYS B 92 -31.20 -10.77 6.98
N GLN B 93 -31.55 -9.54 7.40
CA GLN B 93 -30.65 -8.74 8.26
C GLN B 93 -31.49 -7.81 9.14
N GLN B 94 -31.23 -7.80 10.45
CA GLN B 94 -31.98 -6.92 11.37
C GLN B 94 -31.26 -5.56 11.45
N SER B 95 -32.04 -4.47 11.49
CA SER B 95 -31.47 -3.10 11.61
C SER B 95 -31.99 -2.40 12.87
N ASN B 96 -32.40 -3.21 13.85
CA ASN B 96 -33.04 -2.69 15.08
C ASN B 96 -32.05 -2.39 16.16
N GLU B 97 -31.00 -3.18 16.25
CA GLU B 97 -30.05 -3.06 17.38
C GLU B 97 -28.70 -3.56 16.91
N ASP B 98 -27.65 -2.75 17.09
CA ASP B 98 -26.34 -3.26 16.67
C ASP B 98 -25.79 -4.17 17.75
N PRO B 99 -24.92 -5.12 17.37
CA PRO B 99 -24.43 -5.36 16.00
C PRO B 99 -25.56 -5.72 15.06
N TYR B 100 -25.50 -5.19 13.85
CA TYR B 100 -26.54 -5.34 12.85
C TYR B 100 -26.50 -6.64 12.03
N THR B 101 -27.03 -7.68 12.66
CA THR B 101 -26.71 -9.07 12.42
C THR B 101 -27.47 -9.78 11.24
N PHE B 102 -26.83 -10.73 10.55
CA PHE B 102 -27.40 -11.34 9.29
C PHE B 102 -27.92 -12.79 9.52
N GLY B 103 -28.87 -13.23 8.72
CA GLY B 103 -29.15 -14.68 8.62
C GLY B 103 -27.94 -15.44 8.04
N GLY B 104 -27.97 -16.75 8.21
CA GLY B 104 -27.00 -17.64 7.59
C GLY B 104 -27.09 -17.82 6.07
N GLY B 105 -28.18 -17.35 5.45
CA GLY B 105 -28.33 -17.36 4.00
C GLY B 105 -29.19 -18.53 3.59
N THR B 106 -29.89 -18.41 2.45
CA THR B 106 -30.58 -19.55 1.83
C THR B 106 -30.18 -19.64 0.36
N LYS B 107 -29.54 -20.74 -0.04
CA LYS B 107 -29.15 -20.99 -1.44
C LYS B 107 -30.35 -21.49 -2.29
N LEU B 108 -30.70 -20.77 -3.34
CA LEU B 108 -31.82 -21.15 -4.21
C LEU B 108 -31.30 -21.76 -5.51
N GLU B 109 -31.68 -23.00 -5.81
CA GLU B 109 -31.38 -23.69 -7.09
C GLU B 109 -32.67 -23.78 -7.92
N ILE B 110 -32.55 -23.85 -9.26
CA ILE B 110 -33.75 -23.99 -10.14
C ILE B 110 -33.93 -25.45 -10.55
N LYS B 111 -35.16 -25.96 -10.44
CA LYS B 111 -35.51 -27.23 -11.05
C LYS B 111 -35.91 -27.08 -12.51
N ARG B 112 -35.43 -28.02 -13.32
CA ARG B 112 -35.49 -27.92 -14.75
C ARG B 112 -35.44 -29.37 -15.26
N ALA B 113 -35.81 -29.61 -16.52
CA ALA B 113 -35.71 -30.96 -17.09
C ALA B 113 -34.25 -31.47 -17.23
N ASP B 114 -34.08 -32.78 -17.02
CA ASP B 114 -32.77 -33.42 -17.11
C ASP B 114 -32.12 -33.21 -18.47
N ALA B 115 -30.83 -32.83 -18.47
CA ALA B 115 -30.04 -32.64 -19.67
C ALA B 115 -28.75 -33.46 -19.56
N ALA B 116 -28.32 -34.11 -20.65
CA ALA B 116 -27.07 -34.90 -20.63
C ALA B 116 -25.84 -34.00 -20.89
N PRO B 117 -24.67 -34.32 -20.28
CA PRO B 117 -23.49 -33.48 -20.51
C PRO B 117 -22.92 -33.61 -21.93
N THR B 118 -22.30 -32.53 -22.43
CA THR B 118 -21.44 -32.60 -23.63
C THR B 118 -20.02 -32.76 -23.13
N VAL B 119 -19.36 -33.85 -23.52
CA VAL B 119 -18.02 -34.20 -22.97
C VAL B 119 -16.92 -33.95 -24.00
N SER B 120 -15.77 -33.45 -23.54
CA SER B 120 -14.68 -33.05 -24.44
C SER B 120 -13.28 -33.15 -23.82
N ILE B 121 -12.47 -34.08 -24.33
CA ILE B 121 -11.12 -34.36 -23.78
C ILE B 121 -10.02 -33.63 -24.57
N PHE B 122 -8.97 -33.18 -23.86
CA PHE B 122 -7.92 -32.36 -24.44
C PHE B 122 -6.55 -32.88 -24.04
N PRO B 123 -5.78 -33.39 -25.02
CA PRO B 123 -4.42 -33.80 -24.74
C PRO B 123 -3.61 -32.62 -24.24
N PRO B 124 -2.57 -32.89 -23.43
CA PRO B 124 -1.65 -31.86 -23.01
C PRO B 124 -1.11 -31.10 -24.19
N SER B 125 -0.99 -29.78 -24.08
CA SER B 125 -0.44 -28.94 -25.13
C SER B 125 1.02 -29.28 -25.40
N SER B 126 1.44 -29.08 -26.65
CA SER B 126 2.84 -29.11 -27.01
C SER B 126 3.67 -28.22 -26.10
N GLU B 127 3.24 -26.99 -25.93
CA GLU B 127 3.89 -26.01 -25.06
C GLU B 127 4.16 -26.55 -23.66
N GLN B 128 3.14 -27.13 -23.04
CA GLN B 128 3.25 -27.63 -21.68
C GLN B 128 4.19 -28.81 -21.60
N LEU B 129 4.15 -29.69 -22.60
CA LEU B 129 5.05 -30.83 -22.65
C LEU B 129 6.52 -30.43 -22.70
N THR B 130 6.80 -29.21 -22.31
CA THR B 130 8.16 -28.68 -22.30
C THR B 130 8.61 -28.44 -20.84
N SER B 131 7.60 -28.48 -19.97
CA SER B 131 7.73 -28.24 -18.54
C SER B 131 8.12 -29.52 -17.78
N GLY B 132 8.00 -30.67 -18.42
CA GLY B 132 8.07 -31.91 -17.64
C GLY B 132 6.90 -32.02 -16.65
N GLY B 133 5.77 -31.39 -17.00
CA GLY B 133 4.45 -31.60 -16.37
C GLY B 133 3.47 -31.78 -17.52
N ALA B 134 2.36 -32.48 -17.28
CA ALA B 134 1.34 -32.72 -18.31
C ALA B 134 -0.06 -32.71 -17.68
N SER B 135 -0.99 -31.96 -18.26
CA SER B 135 -2.37 -31.92 -17.77
C SER B 135 -3.35 -32.44 -18.82
N VAL B 136 -4.11 -33.50 -18.51
CA VAL B 136 -5.22 -33.86 -19.36
C VAL B 136 -6.49 -33.25 -18.77
N VAL B 137 -7.21 -32.49 -19.61
CA VAL B 137 -8.38 -31.72 -19.24
C VAL B 137 -9.63 -32.34 -19.86
N CYS B 138 -10.72 -32.41 -19.11
CA CYS B 138 -12.01 -32.88 -19.64
C CYS B 138 -13.17 -31.96 -19.20
N PHE B 139 -13.94 -31.42 -20.16
CA PHE B 139 -15.10 -30.59 -19.85
C PHE B 139 -16.39 -31.38 -19.97
N LEU B 140 -17.22 -31.31 -18.93
CA LEU B 140 -18.53 -31.93 -18.91
C LEU B 140 -19.51 -30.76 -18.80
N ASN B 141 -20.19 -30.46 -19.90
CA ASN B 141 -20.79 -29.15 -20.00
C ASN B 141 -22.28 -29.21 -20.07
N ASN B 142 -22.91 -28.30 -19.35
CA ASN B 142 -24.34 -28.04 -19.55
C ASN B 142 -25.24 -29.24 -19.25
N PHE B 143 -25.15 -29.76 -18.03
CA PHE B 143 -25.93 -30.95 -17.65
C PHE B 143 -26.91 -30.68 -16.49
N TYR B 144 -27.92 -31.53 -16.33
CA TYR B 144 -28.84 -31.47 -15.17
C TYR B 144 -29.45 -32.85 -14.80
N PRO B 145 -29.57 -33.16 -13.49
CA PRO B 145 -29.09 -32.47 -12.28
C PRO B 145 -27.58 -32.38 -12.08
N LYS B 146 -27.21 -31.83 -10.93
CA LYS B 146 -25.83 -31.44 -10.56
C LYS B 146 -24.98 -32.69 -10.26
N ASP B 147 -25.64 -33.76 -9.82
CA ASP B 147 -25.01 -35.03 -9.46
C ASP B 147 -24.40 -35.73 -10.71
N ILE B 148 -23.08 -35.80 -10.73
CA ILE B 148 -22.31 -36.42 -11.83
C ILE B 148 -21.11 -37.16 -11.26
N ASN B 149 -20.75 -38.27 -11.91
CA ASN B 149 -19.59 -39.09 -11.54
C ASN B 149 -18.55 -39.08 -12.68
N VAL B 150 -17.29 -38.80 -12.38
CA VAL B 150 -16.29 -38.83 -13.45
C VAL B 150 -15.17 -39.85 -13.20
N LYS B 151 -14.77 -40.55 -14.26
CA LYS B 151 -13.78 -41.58 -14.13
C LYS B 151 -12.73 -41.46 -15.21
N TRP B 152 -11.47 -41.56 -14.80
CA TRP B 152 -10.30 -41.47 -15.67
C TRP B 152 -9.70 -42.86 -15.84
N LYS B 153 -9.37 -43.21 -17.08
CA LYS B 153 -8.67 -44.47 -17.39
C LYS B 153 -7.38 -44.20 -18.16
N ILE B 154 -6.31 -44.86 -17.72
CA ILE B 154 -5.02 -44.82 -18.40
C ILE B 154 -4.64 -46.23 -18.83
N ASP B 155 -4.46 -46.39 -20.13
CA ASP B 155 -4.27 -47.71 -20.73
C ASP B 155 -5.29 -48.71 -20.15
N GLY B 156 -6.57 -48.37 -20.29
CA GLY B 156 -7.67 -49.21 -19.81
C GLY B 156 -7.92 -49.24 -18.31
N SER B 157 -6.88 -48.88 -17.52
CA SER B 157 -6.89 -48.95 -16.05
C SER B 157 -7.38 -47.67 -15.36
N GLU B 158 -8.26 -47.82 -14.37
CA GLU B 158 -8.79 -46.68 -13.64
C GLU B 158 -7.74 -46.00 -12.73
N ARG B 159 -7.75 -44.67 -12.68
CA ARG B 159 -6.77 -43.94 -11.87
C ARG B 159 -7.38 -43.00 -10.84
N GLN B 160 -6.86 -43.04 -9.61
CA GLN B 160 -7.44 -42.27 -8.50
C GLN B 160 -6.81 -40.90 -8.19
N ASN B 161 -5.53 -40.85 -7.79
CA ASN B 161 -4.96 -39.52 -7.45
C ASN B 161 -4.28 -38.71 -8.58
N GLY B 162 -4.27 -37.39 -8.40
CA GLY B 162 -3.73 -36.46 -9.39
C GLY B 162 -4.83 -35.75 -10.14
N VAL B 163 -6.05 -35.88 -9.65
CA VAL B 163 -7.26 -35.41 -10.34
C VAL B 163 -8.01 -34.37 -9.51
N LEU B 164 -8.20 -33.17 -10.09
CA LEU B 164 -8.95 -32.10 -9.46
C LEU B 164 -10.17 -31.65 -10.27
N ASN B 165 -11.30 -31.54 -9.59
CA ASN B 165 -12.58 -31.22 -10.20
C ASN B 165 -13.04 -29.83 -9.75
N SER B 166 -13.67 -29.10 -10.66
CA SER B 166 -14.20 -27.77 -10.40
C SER B 166 -15.53 -27.62 -11.11
N TRP B 167 -16.50 -27.04 -10.41
CA TRP B 167 -17.88 -26.89 -10.91
C TRP B 167 -18.26 -25.42 -10.98
N THR B 168 -18.99 -25.06 -12.02
CA THR B 168 -19.61 -23.73 -12.15
C THR B 168 -20.83 -23.61 -11.24
N ASP B 169 -21.27 -22.37 -11.00
CA ASP B 169 -22.57 -22.08 -10.40
C ASP B 169 -23.68 -22.32 -11.41
N GLN B 170 -24.88 -22.59 -10.93
CA GLN B 170 -26.01 -22.88 -11.82
C GLN B 170 -26.23 -21.75 -12.82
N ASP B 171 -26.33 -22.10 -14.11
CA ASP B 171 -26.40 -21.06 -15.13
C ASP B 171 -27.69 -20.29 -14.95
N SER B 172 -27.61 -18.97 -15.13
CA SER B 172 -28.78 -18.12 -14.94
C SER B 172 -29.72 -18.00 -16.15
N LYS B 173 -29.42 -18.63 -17.30
CA LYS B 173 -30.43 -18.70 -18.38
C LYS B 173 -30.96 -20.11 -18.60
N ASP B 174 -30.06 -21.04 -18.82
CA ASP B 174 -30.50 -22.40 -19.10
C ASP B 174 -30.58 -23.30 -17.87
N SER B 175 -30.12 -22.80 -16.71
CA SER B 175 -30.25 -23.53 -15.42
C SER B 175 -29.46 -24.84 -15.34
N THR B 176 -28.32 -24.93 -16.02
CA THR B 176 -27.58 -26.19 -16.09
C THR B 176 -26.33 -25.99 -15.32
N TYR B 177 -25.58 -27.09 -15.17
CA TYR B 177 -24.35 -27.13 -14.45
C TYR B 177 -23.25 -27.51 -15.46
N SER B 178 -22.01 -27.19 -15.14
CA SER B 178 -20.85 -27.67 -15.92
C SER B 178 -19.67 -27.98 -14.97
N MET B 179 -18.70 -28.71 -15.50
CA MET B 179 -17.60 -29.22 -14.69
C MET B 179 -16.34 -29.34 -15.51
N SER B 180 -15.20 -29.11 -14.89
CA SER B 180 -13.89 -29.42 -15.47
C SER B 180 -13.18 -30.43 -14.59
N SER B 181 -12.53 -31.39 -15.23
CA SER B 181 -11.76 -32.41 -14.56
C SER B 181 -10.34 -32.45 -15.15
N THR B 182 -9.34 -32.21 -14.32
CA THR B 182 -7.94 -32.14 -14.80
C THR B 182 -7.16 -33.27 -14.16
N LEU B 183 -6.45 -34.05 -14.98
CA LEU B 183 -5.48 -35.01 -14.51
C LEU B 183 -4.07 -34.48 -14.81
N THR B 184 -3.30 -34.27 -13.75
CA THR B 184 -1.93 -33.83 -13.87
C THR B 184 -0.99 -34.98 -13.56
N LEU B 185 0.02 -35.13 -14.41
CA LEU B 185 1.10 -36.11 -14.26
C LEU B 185 2.40 -35.44 -14.68
N THR B 186 3.54 -36.09 -14.41
CA THR B 186 4.83 -35.65 -14.93
C THR B 186 4.82 -35.90 -16.42
N LYS B 187 5.77 -35.31 -17.16
CA LYS B 187 5.82 -35.55 -18.60
C LYS B 187 6.27 -36.96 -18.76
N ASP B 188 7.19 -37.35 -17.89
CA ASP B 188 7.73 -38.68 -17.86
C ASP B 188 6.57 -39.69 -17.87
N GLU B 189 5.72 -39.63 -16.85
CA GLU B 189 4.59 -40.57 -16.68
C GLU B 189 3.63 -40.53 -17.85
N TYR B 190 3.32 -39.32 -18.30
CA TYR B 190 2.42 -39.15 -19.40
C TYR B 190 2.87 -39.99 -20.56
N GLU B 191 4.15 -39.91 -20.91
CA GLU B 191 4.63 -40.58 -22.12
C GLU B 191 4.98 -42.06 -22.01
N ARG B 192 4.84 -42.62 -20.81
CA ARG B 192 4.97 -44.08 -20.60
C ARG B 192 3.64 -44.79 -20.92
N HIS B 193 2.59 -43.98 -21.15
CA HIS B 193 1.24 -44.44 -21.50
C HIS B 193 0.70 -43.90 -22.83
N ASN B 194 -0.18 -44.68 -23.46
CA ASN B 194 -0.62 -44.41 -24.85
C ASN B 194 -2.10 -44.10 -25.06
N SER B 195 -2.94 -44.46 -24.10
CA SER B 195 -4.39 -44.22 -24.20
C SER B 195 -5.01 -43.57 -22.96
N TYR B 196 -5.70 -42.44 -23.16
CA TYR B 196 -6.35 -41.70 -22.08
C TYR B 196 -7.85 -41.54 -22.27
N THR B 197 -8.60 -41.82 -21.21
CA THR B 197 -10.07 -41.83 -21.27
C THR B 197 -10.71 -40.97 -20.16
N CYS B 198 -11.73 -40.22 -20.51
CA CYS B 198 -12.51 -39.49 -19.51
C CYS B 198 -13.93 -40.02 -19.64
N GLU B 199 -14.48 -40.58 -18.56
CA GLU B 199 -15.76 -41.31 -18.55
C GLU B 199 -16.77 -40.69 -17.62
N ALA B 200 -17.92 -40.26 -18.16
CA ALA B 200 -18.95 -39.62 -17.35
C ALA B 200 -20.18 -40.49 -17.15
N THR B 201 -20.57 -40.70 -15.90
CA THR B 201 -21.84 -41.37 -15.60
C THR B 201 -22.78 -40.31 -15.06
N HIS B 202 -23.98 -40.25 -15.62
CA HIS B 202 -24.97 -39.27 -15.21
C HIS B 202 -26.40 -39.83 -15.31
N LYS B 203 -27.30 -39.25 -14.51
CA LYS B 203 -28.73 -39.58 -14.46
C LYS B 203 -29.31 -40.01 -15.83
N THR B 204 -28.97 -39.24 -16.85
CA THR B 204 -29.59 -39.26 -18.17
C THR B 204 -29.42 -40.55 -18.98
N SER B 205 -28.45 -41.37 -18.59
CA SER B 205 -28.19 -42.64 -19.28
C SER B 205 -27.60 -43.67 -18.35
N THR B 206 -27.84 -44.93 -18.70
CA THR B 206 -27.34 -46.05 -17.91
C THR B 206 -25.93 -46.42 -18.35
N SER B 207 -25.67 -46.25 -19.64
CA SER B 207 -24.33 -46.34 -20.19
C SER B 207 -23.60 -45.00 -20.02
N PRO B 208 -22.30 -45.03 -19.64
CA PRO B 208 -21.56 -43.77 -19.51
C PRO B 208 -21.18 -43.13 -20.85
N ILE B 209 -20.86 -41.83 -20.84
CA ILE B 209 -20.36 -41.12 -22.01
C ILE B 209 -18.84 -41.19 -22.01
N VAL B 210 -18.29 -41.94 -22.95
CA VAL B 210 -16.86 -42.17 -23.03
C VAL B 210 -16.22 -41.28 -24.11
N LYS B 211 -15.21 -40.50 -23.75
CA LYS B 211 -14.44 -39.79 -24.76
C LYS B 211 -12.97 -39.97 -24.45
N SER B 212 -12.20 -40.27 -25.49
CA SER B 212 -10.89 -40.86 -25.34
C SER B 212 -9.94 -40.40 -26.44
N PHE B 213 -8.64 -40.65 -26.25
CA PHE B 213 -7.64 -40.43 -27.30
C PHE B 213 -6.44 -41.34 -27.14
N ASN B 214 -5.76 -41.57 -28.26
CA ASN B 214 -4.49 -42.27 -28.29
C ASN B 214 -3.43 -41.23 -28.58
N ARG B 215 -2.35 -41.31 -27.83
CA ARG B 215 -1.22 -40.40 -27.97
C ARG B 215 -0.60 -40.52 -29.37
N ASN B 216 -0.15 -39.38 -29.91
CA ASN B 216 0.47 -39.25 -31.24
C ASN B 216 -0.26 -39.87 -32.43
N GLU B 217 -1.57 -40.00 -32.31
CA GLU B 217 -2.40 -40.49 -33.38
C GLU B 217 -2.42 -39.54 -34.60
N GLN C 1 25.55 -3.20 23.90
CA GLN C 1 25.98 -1.77 23.75
C GLN C 1 25.02 -0.76 24.45
N VAL C 2 25.57 0.31 25.03
CA VAL C 2 24.77 1.44 25.54
C VAL C 2 23.92 2.07 24.44
N GLN C 3 22.60 2.09 24.59
CA GLN C 3 21.74 2.81 23.62
C GLN C 3 20.53 3.59 24.17
N LEU C 4 20.17 4.65 23.44
CA LEU C 4 19.07 5.53 23.83
C LEU C 4 18.03 5.57 22.72
N GLN C 5 16.86 4.95 22.97
CA GLN C 5 15.84 4.98 21.93
C GLN C 5 14.65 5.92 22.19
N GLN C 6 14.37 6.78 21.19
CA GLN C 6 13.35 7.82 21.20
C GLN C 6 12.40 7.63 20.00
N PRO C 7 11.08 7.73 20.21
CA PRO C 7 10.22 7.77 19.01
C PRO C 7 10.69 8.80 18.02
N GLY C 8 10.62 8.51 16.73
CA GLY C 8 10.98 9.50 15.67
C GLY C 8 10.14 10.79 15.56
N ALA C 9 8.85 10.74 15.88
CA ALA C 9 7.97 11.93 15.80
C ALA C 9 6.73 11.87 16.70
N ASP C 10 6.08 13.02 16.82
CA ASP C 10 4.64 13.09 17.01
C ASP C 10 4.01 14.50 16.90
N LEU C 11 2.68 14.49 16.85
CA LEU C 11 1.92 15.67 16.46
C LEU C 11 1.08 16.20 17.62
N VAL C 12 1.32 17.46 17.97
CA VAL C 12 0.80 18.09 19.18
C VAL C 12 -0.19 19.16 18.74
N ARG C 13 -1.45 19.10 19.23
CA ARG C 13 -2.36 20.23 19.06
C ARG C 13 -2.00 21.36 20.04
N PRO C 14 -2.07 22.63 19.57
CA PRO C 14 -1.71 23.77 20.43
C PRO C 14 -2.45 23.82 21.78
N GLY C 15 -1.69 23.81 22.87
CA GLY C 15 -2.28 23.93 24.22
C GLY C 15 -2.42 22.60 24.94
N VAL C 16 -2.26 21.48 24.21
CA VAL C 16 -2.38 20.15 24.79
C VAL C 16 -1.01 19.60 25.11
N SER C 17 -0.74 19.45 26.40
CA SER C 17 0.50 18.90 26.90
C SER C 17 0.92 17.62 26.16
N VAL C 18 2.19 17.59 25.74
CA VAL C 18 2.81 16.41 25.13
C VAL C 18 3.97 15.87 26.01
N LYS C 19 4.12 14.54 26.02
CA LYS C 19 5.08 13.81 26.85
C LYS C 19 6.04 12.95 25.97
N LEU C 20 7.31 13.31 25.95
CA LEU C 20 8.29 12.59 25.14
C LEU C 20 8.94 11.53 26.00
N SER C 21 9.31 10.41 25.38
CA SER C 21 10.07 9.33 26.04
C SER C 21 11.49 9.04 25.50
N CYS C 22 12.34 8.48 26.36
CA CYS C 22 13.70 8.08 25.99
C CYS C 22 14.03 6.81 26.78
N LYS C 23 14.08 5.68 26.08
CA LYS C 23 14.28 4.38 26.75
C LYS C 23 15.74 3.97 26.69
N ALA C 24 16.31 3.74 27.87
CA ALA C 24 17.70 3.41 28.08
C ALA C 24 17.94 1.90 28.10
N SER C 25 18.99 1.44 27.41
CA SER C 25 19.39 0.04 27.52
C SER C 25 20.90 -0.07 27.48
N GLY C 26 21.40 -1.22 27.95
CA GLY C 26 22.79 -1.56 27.79
C GLY C 26 23.74 -1.07 28.87
N TYR C 27 23.21 -0.37 29.88
CA TYR C 27 24.02 0.08 31.03
C TYR C 27 23.10 0.13 32.23
N THR C 28 23.62 0.36 33.42
CA THR C 28 22.74 0.56 34.59
C THR C 28 22.17 2.00 34.74
N PHE C 29 20.86 2.09 34.49
CA PHE C 29 20.14 3.33 34.27
C PHE C 29 20.17 4.35 35.40
N THR C 30 20.19 3.85 36.62
CA THR C 30 20.13 4.73 37.79
C THR C 30 21.43 5.47 38.11
N SER C 31 22.49 5.11 37.38
CA SER C 31 23.87 5.60 37.63
C SER C 31 24.28 6.97 37.05
N TYR C 32 23.68 7.38 35.93
CA TYR C 32 24.15 8.59 35.23
C TYR C 32 23.07 9.66 34.94
N TRP C 33 23.49 10.92 34.89
CA TRP C 33 22.63 12.07 34.57
C TRP C 33 22.20 11.98 33.13
N MET C 34 20.91 12.21 32.91
CA MET C 34 20.27 12.27 31.59
C MET C 34 19.88 13.72 31.24
N ASN C 35 20.10 14.14 30.00
CA ASN C 35 19.90 15.52 29.59
C ASN C 35 18.91 15.62 28.43
N TRP C 36 18.29 16.79 28.30
CA TRP C 36 17.45 17.08 27.15
C TRP C 36 17.93 18.33 26.49
N VAL C 37 17.97 18.28 25.17
CA VAL C 37 18.47 19.33 24.31
C VAL C 37 17.46 19.54 23.18
N LYS C 38 17.19 20.77 22.80
CA LYS C 38 16.28 21.14 21.70
C LYS C 38 17.02 21.67 20.45
N GLN C 39 16.56 21.30 19.26
CA GLN C 39 17.14 21.81 18.02
C GLN C 39 16.11 22.32 17.01
N ARG C 40 16.33 23.56 16.58
CA ARG C 40 15.60 24.14 15.47
C ARG C 40 16.57 24.56 14.35
N PRO C 41 16.07 24.54 13.08
CA PRO C 41 16.90 25.05 12.00
C PRO C 41 17.54 26.41 12.36
N GLY C 42 16.72 27.42 12.67
CA GLY C 42 17.21 28.81 12.94
C GLY C 42 17.87 29.15 14.27
N GLN C 43 17.32 28.61 15.37
CA GLN C 43 17.77 28.88 16.78
C GLN C 43 18.94 28.00 17.31
N GLY C 44 19.21 26.90 16.62
CA GLY C 44 20.36 26.06 16.98
C GLY C 44 20.04 25.05 18.06
N LEU C 45 21.10 24.54 18.70
CA LEU C 45 20.97 23.62 19.85
C LEU C 45 20.90 24.35 21.23
N GLU C 46 19.91 23.95 22.04
CA GLU C 46 19.73 24.49 23.39
C GLU C 46 19.54 23.40 24.44
N TRP C 47 20.21 23.57 25.58
CA TRP C 47 20.12 22.61 26.70
C TRP C 47 18.87 22.87 27.57
N ILE C 48 17.91 21.95 27.58
CA ILE C 48 16.75 22.12 28.45
C ILE C 48 17.05 21.94 29.98
N GLY C 49 17.80 20.89 30.33
CA GLY C 49 17.86 20.45 31.71
C GLY C 49 18.39 19.03 31.81
N MET C 50 18.55 18.59 33.05
CA MET C 50 19.05 17.26 33.38
C MET C 50 18.32 16.61 34.57
N ILE C 51 18.33 15.27 34.59
CA ILE C 51 17.80 14.51 35.73
C ILE C 51 18.74 13.35 36.16
N HIS C 52 18.84 13.11 37.45
CA HIS C 52 19.50 11.91 37.90
C HIS C 52 18.47 10.84 38.29
N PRO C 53 18.43 9.73 37.52
CA PRO C 53 17.41 8.67 37.67
C PRO C 53 17.38 7.96 39.05
N SER C 54 18.45 8.06 39.84
CA SER C 54 18.45 7.40 41.14
C SER C 54 17.41 7.98 42.11
N ASP C 55 17.28 9.30 42.13
CA ASP C 55 16.36 9.96 43.05
C ASP C 55 15.59 11.11 42.40
N SER C 56 15.69 11.24 41.08
CA SER C 56 15.00 12.30 40.31
C SER C 56 15.41 13.74 40.69
N GLU C 57 16.66 13.95 41.07
CA GLU C 57 17.19 15.28 41.23
C GLU C 57 17.19 15.90 39.84
N THR C 58 16.63 17.10 39.72
CA THR C 58 16.59 17.82 38.45
C THR C 58 17.21 19.22 38.56
N ARG C 59 17.90 19.60 37.48
CA ARG C 59 18.29 20.98 37.21
C ARG C 59 17.73 21.38 35.84
N LEU C 60 16.96 22.46 35.83
CA LEU C 60 16.35 23.01 34.62
C LEU C 60 16.99 24.34 34.32
N SER C 61 17.07 24.62 33.02
CA SER C 61 17.36 25.93 32.52
C SER C 61 16.25 26.89 32.92
N GLN C 62 16.62 28.14 33.17
CA GLN C 62 15.63 29.20 33.45
C GLN C 62 14.68 29.36 32.28
N LYS C 63 15.21 29.19 31.07
CA LYS C 63 14.44 29.36 29.85
C LYS C 63 13.30 28.33 29.76
N PHE C 64 13.43 27.21 30.45
CA PHE C 64 12.46 26.12 30.27
C PHE C 64 11.72 25.79 31.56
N LYS C 65 11.99 26.61 32.57
CA LYS C 65 11.55 26.45 33.96
C LYS C 65 10.05 26.26 34.07
N ASP C 66 9.31 26.92 33.18
CA ASP C 66 7.84 26.89 33.20
C ASP C 66 7.30 26.12 31.96
N LYS C 67 8.18 25.38 31.28
CA LYS C 67 7.82 24.69 30.03
C LYS C 67 7.97 23.21 30.15
N ALA C 68 9.05 22.79 30.79
CA ALA C 68 9.53 21.40 30.79
C ALA C 68 9.50 20.81 32.18
N THR C 69 8.96 19.59 32.29
CA THR C 69 9.05 18.84 33.54
C THR C 69 9.59 17.42 33.21
N LEU C 70 10.69 17.10 33.89
CA LEU C 70 11.47 15.87 33.71
C LEU C 70 11.14 14.81 34.77
N THR C 71 10.82 13.60 34.34
CA THR C 71 10.58 12.49 35.24
C THR C 71 11.31 11.21 34.81
N VAL C 72 11.42 10.25 35.73
CA VAL C 72 11.81 8.89 35.33
C VAL C 72 10.93 7.76 35.88
N ASP C 73 10.89 6.68 35.11
CA ASP C 73 10.40 5.39 35.54
C ASP C 73 11.57 4.39 35.65
N LYS C 74 11.95 4.06 36.88
CA LYS C 74 13.03 3.11 37.15
C LYS C 74 12.80 1.72 36.55
N SER C 75 11.56 1.26 36.61
CA SER C 75 11.24 -0.12 36.26
C SER C 75 11.10 -0.37 34.76
N SER C 76 11.00 0.70 33.97
CA SER C 76 11.08 0.56 32.51
C SER C 76 12.35 1.23 31.94
N SER C 77 13.22 1.71 32.84
CA SER C 77 14.44 2.42 32.44
C SER C 77 14.19 3.53 31.42
N THR C 78 13.15 4.32 31.64
CA THR C 78 12.71 5.34 30.69
C THR C 78 12.63 6.73 31.31
N ALA C 79 13.32 7.67 30.65
CA ALA C 79 13.28 9.09 30.99
C ALA C 79 12.16 9.79 30.19
N TYR C 80 11.45 10.71 30.85
CA TYR C 80 10.38 11.45 30.23
C TYR C 80 10.56 12.97 30.37
N MET C 81 10.14 13.73 29.38
CA MET C 81 10.03 15.17 29.48
C MET C 81 8.66 15.53 28.95
N GLN C 82 7.88 16.21 29.79
CA GLN C 82 6.55 16.68 29.44
C GLN C 82 6.64 18.17 29.15
N LEU C 83 6.08 18.57 27.99
CA LEU C 83 6.05 19.95 27.58
C LEU C 83 4.65 20.55 27.83
N SER C 84 4.61 21.65 28.57
CA SER C 84 3.39 22.35 28.97
C SER C 84 2.84 23.21 27.91
N SER C 85 1.52 23.34 27.91
CA SER C 85 0.79 24.31 27.10
C SER C 85 1.56 24.69 25.83
N PRO C 86 1.72 23.73 24.89
CA PRO C 86 2.58 23.96 23.70
C PRO C 86 2.03 24.88 22.59
N THR C 87 2.97 25.58 21.95
CA THR C 87 2.74 26.51 20.87
C THR C 87 3.71 26.18 19.73
N SER C 88 3.53 26.83 18.57
CA SER C 88 4.42 26.70 17.41
C SER C 88 5.92 26.79 17.69
N GLU C 89 6.31 27.54 18.73
CA GLU C 89 7.74 27.68 19.15
C GLU C 89 8.33 26.43 19.82
N ASP C 90 7.46 25.50 20.13
CA ASP C 90 7.90 24.30 20.73
C ASP C 90 8.14 23.22 19.67
N SER C 91 7.71 23.49 18.43
CA SER C 91 8.04 22.61 17.27
C SER C 91 9.55 22.56 17.07
N ALA C 92 10.15 21.36 17.15
CA ALA C 92 11.63 21.21 17.11
C ALA C 92 11.99 19.74 17.20
N VAL C 93 13.25 19.38 16.97
CA VAL C 93 13.74 18.05 17.37
C VAL C 93 14.22 18.07 18.82
N TYR C 94 13.90 17.00 19.56
CA TYR C 94 14.21 16.94 20.98
C TYR C 94 15.10 15.74 21.23
N TYR C 95 16.27 15.94 21.83
CA TYR C 95 17.20 14.83 22.03
C TYR C 95 17.35 14.50 23.51
N CYS C 96 17.47 13.21 23.85
CA CYS C 96 18.07 12.83 25.14
C CYS C 96 19.53 12.45 24.90
N ALA C 97 20.39 12.68 25.90
CA ALA C 97 21.83 12.57 25.81
C ALA C 97 22.43 12.31 27.20
N ARG C 98 23.31 11.32 27.29
CA ARG C 98 23.79 10.84 28.57
C ARG C 98 25.27 11.12 28.74
N LEU C 99 25.62 11.43 29.98
CA LEU C 99 26.96 11.77 30.39
C LEU C 99 27.93 10.60 30.42
N LYS C 100 29.19 10.81 30.05
CA LYS C 100 30.20 9.78 30.22
C LYS C 100 30.43 9.51 31.71
N PRO C 101 30.53 8.23 32.10
CA PRO C 101 30.82 7.93 33.51
C PRO C 101 32.16 8.55 33.85
N GLY C 102 32.25 9.18 35.04
CA GLY C 102 33.47 9.89 35.45
C GLY C 102 33.70 11.25 34.80
N GLY C 103 32.91 11.60 33.78
CA GLY C 103 33.08 12.85 33.05
C GLY C 103 31.84 13.73 32.90
N THR C 104 32.03 14.86 32.24
CA THR C 104 30.97 15.86 32.10
C THR C 104 30.39 15.93 30.68
N TRP C 105 31.09 15.32 29.71
CA TRP C 105 30.69 15.35 28.26
C TRP C 105 29.50 14.45 27.86
N PHE C 106 28.74 14.86 26.84
CA PHE C 106 27.59 14.10 26.31
C PHE C 106 27.99 12.97 25.30
N ALA C 107 28.55 11.87 25.80
CA ALA C 107 29.04 10.82 24.89
C ALA C 107 27.93 10.08 24.09
N TYR C 108 26.75 9.90 24.68
CA TYR C 108 25.71 9.03 24.10
C TYR C 108 24.46 9.82 23.80
N TRP C 109 23.84 9.63 22.62
CA TRP C 109 22.70 10.45 22.23
C TRP C 109 21.58 9.65 21.56
N GLY C 110 20.31 10.00 21.82
CA GLY C 110 19.18 9.37 21.09
C GLY C 110 19.12 9.86 19.66
N GLN C 111 18.22 9.31 18.84
CA GLN C 111 18.12 9.79 17.46
C GLN C 111 17.32 11.07 17.34
N GLY C 112 16.58 11.40 18.40
CA GLY C 112 15.79 12.64 18.44
C GLY C 112 14.34 12.35 18.10
N THR C 113 13.39 13.05 18.75
CA THR C 113 11.96 13.01 18.34
C THR C 113 11.59 14.33 17.62
N LEU C 114 10.99 14.24 16.44
CA LEU C 114 10.49 15.44 15.70
C LEU C 114 9.06 15.85 16.08
N VAL C 115 8.97 16.94 16.83
CA VAL C 115 7.67 17.45 17.34
C VAL C 115 7.04 18.58 16.47
N THR C 116 5.77 18.43 16.10
CA THR C 116 5.12 19.44 15.30
C THR C 116 3.93 19.93 16.09
N VAL C 117 3.94 21.21 16.47
CA VAL C 117 2.79 21.74 17.19
C VAL C 117 1.94 22.55 16.21
N SER C 118 0.71 22.08 15.93
CA SER C 118 -0.10 22.62 14.84
C SER C 118 -1.56 22.17 14.85
N ALA C 119 -2.45 23.09 14.49
CA ALA C 119 -3.85 22.77 14.35
C ALA C 119 -4.24 22.31 12.93
N ALA C 120 -3.27 22.22 12.02
CA ALA C 120 -3.55 21.76 10.65
C ALA C 120 -3.98 20.30 10.68
N LYS C 121 -4.76 19.93 9.68
CA LYS C 121 -5.29 18.59 9.58
C LYS C 121 -4.28 17.55 9.09
N THR C 122 -4.25 16.42 9.76
CA THR C 122 -3.46 15.27 9.34
C THR C 122 -3.92 14.75 7.99
N THR C 123 -2.99 14.62 7.05
CA THR C 123 -3.35 14.32 5.66
C THR C 123 -2.45 13.27 4.99
N ALA C 124 -3.05 12.23 4.38
CA ALA C 124 -2.26 11.18 3.69
C ALA C 124 -1.67 11.64 2.37
N PRO C 125 -0.41 11.25 2.05
CA PRO C 125 0.20 11.67 0.77
C PRO C 125 -0.48 10.99 -0.43
N SER C 126 -0.48 11.66 -1.59
CA SER C 126 -0.75 10.98 -2.88
C SER C 126 0.57 10.59 -3.51
N VAL C 127 0.66 9.37 -4.04
CA VAL C 127 1.97 8.88 -4.54
C VAL C 127 1.99 8.64 -6.07
N TYR C 128 2.91 9.33 -6.74
CA TYR C 128 2.92 9.32 -8.19
C TYR C 128 4.23 8.84 -8.80
N PRO C 129 4.12 8.01 -9.85
CA PRO C 129 5.25 7.48 -10.62
C PRO C 129 5.83 8.54 -11.52
N LEU C 130 7.17 8.54 -11.63
CA LEU C 130 7.86 9.44 -12.55
C LEU C 130 8.65 8.58 -13.54
N ALA C 131 7.98 8.20 -14.64
CA ALA C 131 8.62 7.42 -15.71
C ALA C 131 9.25 8.29 -16.81
N PRO C 132 10.40 7.85 -17.37
CA PRO C 132 11.10 8.60 -18.43
C PRO C 132 10.20 8.86 -19.67
N VAL C 133 10.47 9.97 -20.34
CA VAL C 133 9.69 10.36 -21.52
C VAL C 133 9.95 9.40 -22.69
N CYS C 134 8.94 9.22 -23.54
CA CYS C 134 9.06 8.52 -24.84
C CYS C 134 10.37 8.72 -25.59
N GLY C 135 10.90 7.64 -26.15
CA GLY C 135 12.00 7.76 -27.12
C GLY C 135 13.29 7.08 -26.70
N ASP C 136 14.16 6.87 -27.68
CA ASP C 136 15.38 6.08 -27.50
C ASP C 136 16.39 6.77 -26.57
N THR C 137 16.82 6.03 -25.56
CA THR C 137 17.87 6.43 -24.62
C THR C 137 19.23 6.19 -25.30
N THR C 138 20.15 7.14 -25.15
CA THR C 138 21.43 7.06 -25.85
C THR C 138 22.60 7.24 -24.90
N GLY C 139 22.28 7.22 -23.61
CA GLY C 139 23.25 7.20 -22.51
C GLY C 139 23.32 5.87 -21.77
N SER C 140 24.38 5.71 -20.97
CA SER C 140 24.62 4.49 -20.21
C SER C 140 23.80 4.37 -18.93
N SER C 141 23.00 5.37 -18.61
CA SER C 141 22.22 5.35 -17.39
C SER C 141 20.83 5.88 -17.64
N VAL C 142 19.86 5.47 -16.80
CA VAL C 142 18.43 5.99 -16.86
C VAL C 142 18.03 6.49 -15.47
N THR C 143 17.18 7.54 -15.40
CA THR C 143 16.73 8.13 -14.13
C THR C 143 15.22 8.12 -14.03
N LEU C 144 14.69 7.61 -12.92
CA LEU C 144 13.24 7.66 -12.67
C LEU C 144 13.02 8.34 -11.33
N GLY C 145 11.75 8.52 -10.94
CA GLY C 145 11.50 9.16 -9.70
C GLY C 145 10.16 8.81 -9.15
N CYS C 146 9.93 9.31 -7.95
CA CYS C 146 8.72 9.14 -7.21
C CYS C 146 8.33 10.54 -6.67
N LEU C 147 7.04 10.86 -6.74
CA LEU C 147 6.52 12.16 -6.31
C LEU C 147 5.49 11.91 -5.23
N VAL C 148 5.81 12.47 -4.05
CA VAL C 148 5.05 12.22 -2.82
C VAL C 148 4.40 13.53 -2.44
N LYS C 149 3.11 13.63 -2.74
CA LYS C 149 2.44 14.93 -2.77
C LYS C 149 1.27 15.09 -1.77
N GLY C 150 1.34 16.21 -1.02
CA GLY C 150 0.19 16.70 -0.22
C GLY C 150 -0.10 16.04 1.13
N TYR C 151 0.94 15.82 1.92
CA TYR C 151 0.78 15.22 3.24
C TYR C 151 1.03 16.20 4.37
N PHE C 152 0.48 15.89 5.55
CA PHE C 152 0.82 16.59 6.81
C PHE C 152 0.60 15.62 8.00
N PRO C 153 1.53 15.61 9.00
CA PRO C 153 2.84 16.29 9.09
C PRO C 153 4.05 15.43 8.63
N GLU C 154 5.24 16.03 8.63
CA GLU C 154 6.46 15.26 8.51
C GLU C 154 6.46 14.28 9.67
N PRO C 155 7.08 13.10 9.49
CA PRO C 155 7.89 12.74 8.35
C PRO C 155 7.30 11.64 7.49
N VAL C 156 7.93 11.46 6.34
CA VAL C 156 7.66 10.33 5.45
C VAL C 156 8.99 9.58 5.31
N THR C 157 8.95 8.27 5.07
CA THR C 157 10.16 7.60 4.66
C THR C 157 9.94 6.97 3.29
N LEU C 158 11.00 6.94 2.47
CA LEU C 158 10.94 6.41 1.12
C LEU C 158 12.10 5.49 0.82
N THR C 159 11.82 4.29 0.28
CA THR C 159 12.86 3.39 -0.20
C THR C 159 12.60 2.98 -1.65
N TRP C 160 13.62 2.37 -2.26
CA TRP C 160 13.51 1.86 -3.64
C TRP C 160 13.84 0.39 -3.64
N ASN C 161 12.96 -0.42 -4.23
CA ASN C 161 13.09 -1.89 -4.20
C ASN C 161 13.41 -2.42 -2.79
N SER C 162 12.67 -1.90 -1.82
CA SER C 162 12.70 -2.34 -0.42
C SER C 162 14.06 -2.17 0.24
N GLY C 163 14.83 -1.20 -0.25
CA GLY C 163 16.13 -0.90 0.31
C GLY C 163 17.29 -1.45 -0.53
N SER C 164 16.97 -2.33 -1.48
CA SER C 164 17.95 -2.92 -2.42
C SER C 164 18.66 -1.89 -3.29
N LEU C 165 17.89 -0.99 -3.90
CA LEU C 165 18.48 0.14 -4.59
C LEU C 165 18.83 1.25 -3.59
N SER C 166 20.13 1.37 -3.28
CA SER C 166 20.66 2.35 -2.32
C SER C 166 21.55 3.44 -2.98
N SER C 167 22.40 3.03 -3.92
CA SER C 167 23.29 3.96 -4.61
C SER C 167 22.59 4.72 -5.74
N GLY C 168 22.94 5.98 -5.94
CA GLY C 168 22.35 6.76 -7.04
C GLY C 168 20.92 7.22 -6.79
N VAL C 169 20.49 7.25 -5.53
CA VAL C 169 19.19 7.84 -5.13
C VAL C 169 19.45 9.23 -4.55
N HIS C 170 18.59 10.18 -4.93
CA HIS C 170 18.55 11.50 -4.30
C HIS C 170 17.11 11.76 -3.84
N THR C 171 16.87 11.78 -2.53
CA THR C 171 15.55 12.03 -1.98
C THR C 171 15.60 13.47 -1.47
N PHE C 172 14.68 14.30 -1.98
CA PHE C 172 14.76 15.76 -1.74
C PHE C 172 14.02 16.19 -0.44
N PRO C 173 14.58 17.20 0.29
CA PRO C 173 13.89 17.76 1.45
C PRO C 173 12.48 18.23 1.10
N ALA C 174 11.51 17.93 1.96
CA ALA C 174 10.11 18.33 1.67
C ALA C 174 9.94 19.85 1.67
N VAL C 175 9.07 20.34 0.81
CA VAL C 175 8.71 21.74 0.80
C VAL C 175 7.25 21.86 1.29
N LEU C 176 7.04 22.80 2.21
CA LEU C 176 5.71 23.10 2.76
C LEU C 176 5.03 24.27 2.05
N GLN C 177 3.76 24.07 1.62
CA GLN C 177 2.98 25.15 1.02
C GLN C 177 1.55 25.09 1.54
N SER C 178 1.13 26.19 2.12
CA SER C 178 -0.06 26.23 2.93
C SER C 178 0.24 25.33 4.11
N ASP C 179 -0.49 24.22 4.16
CA ASP C 179 -0.37 23.28 5.26
C ASP C 179 -0.10 21.86 4.80
N LEU C 180 0.41 21.72 3.58
CA LEU C 180 0.75 20.40 3.03
C LEU C 180 2.22 20.30 2.56
N TYR C 181 2.81 19.12 2.75
CA TYR C 181 4.17 18.83 2.28
C TYR C 181 4.17 18.08 0.94
N THR C 182 5.18 18.36 0.14
CA THR C 182 5.47 17.62 -1.06
C THR C 182 6.99 17.30 -1.08
N LEU C 183 7.35 16.04 -1.30
CA LEU C 183 8.74 15.70 -1.65
C LEU C 183 8.81 14.84 -2.90
N SER C 184 10.03 14.71 -3.44
CA SER C 184 10.30 13.94 -4.63
C SER C 184 11.60 13.13 -4.43
N SER C 185 11.70 11.95 -5.06
CA SER C 185 12.94 11.18 -5.04
C SER C 185 13.31 10.74 -6.46
N SER C 186 14.59 10.88 -6.82
CA SER C 186 15.14 10.33 -8.08
C SER C 186 16.01 9.09 -7.82
N VAL C 187 15.97 8.14 -8.76
CA VAL C 187 16.79 6.95 -8.70
C VAL C 187 17.46 6.81 -10.05
N THR C 188 18.76 6.49 -10.05
CA THR C 188 19.47 6.33 -11.31
C THR C 188 20.12 4.94 -11.40
N VAL C 189 19.91 4.26 -12.53
CA VAL C 189 20.35 2.87 -12.77
C VAL C 189 21.05 2.71 -14.15
N THR C 190 21.89 1.67 -14.29
CA THR C 190 22.52 1.38 -15.59
C THR C 190 21.44 1.11 -16.63
N SER C 191 21.63 1.66 -17.83
CA SER C 191 20.59 1.71 -18.84
C SER C 191 20.17 0.37 -19.45
N SER C 192 21.06 -0.62 -19.38
CA SER C 192 20.74 -1.95 -19.85
C SER C 192 19.69 -2.67 -18.96
N THR C 193 19.50 -2.15 -17.73
CA THR C 193 18.71 -2.84 -16.70
C THR C 193 17.29 -2.31 -16.42
N TRP C 194 16.86 -1.30 -17.19
CA TRP C 194 15.45 -0.86 -17.19
C TRP C 194 15.05 -0.62 -18.65
N PRO C 195 13.90 -1.17 -19.08
CA PRO C 195 12.87 -1.76 -18.22
C PRO C 195 12.98 -3.26 -17.86
N SER C 196 14.07 -3.96 -18.23
CA SER C 196 14.11 -5.43 -18.01
C SER C 196 13.94 -5.83 -16.54
N GLN C 197 14.45 -4.99 -15.63
CA GLN C 197 14.34 -5.17 -14.18
C GLN C 197 13.46 -4.09 -13.61
N SER C 198 12.47 -4.50 -12.79
CA SER C 198 11.44 -3.58 -12.29
C SER C 198 11.90 -2.72 -11.13
N ILE C 199 11.37 -1.50 -11.07
CA ILE C 199 11.70 -0.50 -10.06
C ILE C 199 10.43 -0.01 -9.35
N THR C 200 10.43 -0.08 -8.01
CA THR C 200 9.31 0.27 -7.14
C THR C 200 9.82 1.19 -6.04
N CYS C 201 9.08 2.27 -5.80
CA CYS C 201 9.35 3.15 -4.68
C CYS C 201 8.34 2.82 -3.54
N ASN C 202 8.86 2.60 -2.32
CA ASN C 202 8.04 2.24 -1.14
C ASN C 202 7.94 3.40 -0.15
N VAL C 203 6.72 3.90 0.06
CA VAL C 203 6.50 5.11 0.83
C VAL C 203 5.66 4.78 2.07
N ALA C 204 5.93 5.47 3.17
CA ALA C 204 5.12 5.30 4.37
C ALA C 204 4.98 6.61 5.13
N HIS C 205 3.77 6.85 5.59
CA HIS C 205 3.43 8.04 6.35
C HIS C 205 2.60 7.57 7.55
N PRO C 206 3.30 7.30 8.68
CA PRO C 206 2.75 6.73 9.90
C PRO C 206 1.61 7.56 10.46
N ALA C 207 1.74 8.89 10.36
CA ALA C 207 0.74 9.79 10.96
C ALA C 207 -0.67 9.50 10.41
N SER C 208 -0.72 8.93 9.22
CA SER C 208 -1.98 8.66 8.56
C SER C 208 -2.14 7.18 8.24
N SER C 209 -1.30 6.31 8.81
CA SER C 209 -1.34 4.85 8.56
C SER C 209 -1.27 4.47 7.10
N THR C 210 -0.45 5.21 6.34
CA THR C 210 -0.30 5.06 4.89
C THR C 210 0.98 4.31 4.51
N LYS C 211 0.80 3.26 3.72
CA LYS C 211 1.89 2.43 3.22
C LYS C 211 1.64 2.10 1.77
N VAL C 212 2.48 2.63 0.88
CA VAL C 212 2.28 2.47 -0.57
C VAL C 212 3.55 1.96 -1.21
N ASP C 213 3.41 0.95 -2.06
CA ASP C 213 4.47 0.59 -3.01
C ASP C 213 4.01 0.88 -4.46
N LYS C 214 4.65 1.83 -5.17
CA LYS C 214 4.24 2.23 -6.54
C LYS C 214 5.24 1.79 -7.63
N LYS C 215 4.77 0.95 -8.58
CA LYS C 215 5.61 0.51 -9.71
C LYS C 215 5.90 1.66 -10.67
N ILE C 216 7.16 1.84 -11.05
CA ILE C 216 7.41 2.70 -12.19
C ILE C 216 7.24 1.91 -13.52
N GLU C 217 6.13 2.17 -14.22
CA GLU C 217 5.86 1.50 -15.49
C GLU C 217 6.35 2.31 -16.68
N PRO C 218 6.92 1.61 -17.70
CA PRO C 218 7.30 2.27 -18.95
C PRO C 218 6.08 2.86 -19.66
N ASP D 1 24.93 33.51 31.89
CA ASP D 1 25.26 32.35 31.02
C ASP D 1 26.54 32.59 30.21
N ILE D 2 27.26 31.52 29.89
CA ILE D 2 28.40 31.58 28.97
C ILE D 2 27.93 31.53 27.51
N VAL D 3 28.27 32.56 26.73
CA VAL D 3 28.00 32.65 25.30
C VAL D 3 29.22 32.11 24.52
N LEU D 4 28.97 31.27 23.50
CA LEU D 4 29.99 30.72 22.58
C LEU D 4 29.81 31.21 21.12
N THR D 5 30.85 31.79 20.54
CA THR D 5 30.85 32.35 19.20
C THR D 5 31.79 31.51 18.37
N GLN D 6 31.31 30.99 17.23
CA GLN D 6 32.13 30.25 16.27
C GLN D 6 32.44 31.14 15.05
N SER D 7 33.60 30.89 14.42
CA SER D 7 34.04 31.62 13.24
C SER D 7 34.92 30.66 12.46
N PRO D 8 34.67 30.49 11.13
CA PRO D 8 33.66 31.25 10.38
C PRO D 8 32.28 30.63 10.51
N ALA D 9 31.25 31.25 9.94
CA ALA D 9 29.95 30.64 9.94
C ALA D 9 29.92 29.46 8.91
N SER D 10 30.79 29.54 7.93
CA SER D 10 30.79 28.62 6.84
C SER D 10 32.21 28.64 6.31
N LEU D 11 32.71 27.50 5.83
CA LEU D 11 33.88 27.51 4.96
C LEU D 11 33.90 26.37 3.92
N THR D 12 34.71 26.57 2.87
CA THR D 12 34.86 25.64 1.75
C THR D 12 36.33 25.30 1.59
N VAL D 13 36.64 24.01 1.53
CA VAL D 13 38.03 23.57 1.48
C VAL D 13 38.19 22.42 0.44
N SER D 14 39.27 22.43 -0.33
CA SER D 14 39.63 21.35 -1.26
C SER D 14 40.00 20.07 -0.50
N LEU D 15 39.79 18.91 -1.14
CA LEU D 15 40.16 17.62 -0.55
C LEU D 15 41.66 17.56 -0.31
N GLY D 16 42.06 17.14 0.89
CA GLY D 16 43.48 17.03 1.21
C GLY D 16 44.00 18.23 1.97
N GLN D 17 43.16 19.24 2.15
CA GLN D 17 43.61 20.50 2.78
C GLN D 17 43.20 20.65 4.27
N ARG D 18 43.78 21.65 4.95
CA ARG D 18 43.41 21.98 6.33
C ARG D 18 42.14 22.83 6.45
N ALA D 19 41.31 22.43 7.39
CA ALA D 19 40.14 23.20 7.85
C ALA D 19 40.41 23.60 9.32
N THR D 20 40.42 24.92 9.60
CA THR D 20 40.48 25.42 10.99
C THR D 20 39.17 26.16 11.41
N ILE D 21 38.56 25.68 12.50
CA ILE D 21 37.28 26.21 13.02
C ILE D 21 37.43 26.76 14.46
N SER D 22 37.11 28.04 14.71
CA SER D 22 37.23 28.66 16.06
C SER D 22 35.98 28.67 16.95
N CYS D 23 36.23 28.71 18.28
CA CYS D 23 35.17 28.90 19.29
C CYS D 23 35.71 29.75 20.44
N ARG D 24 35.03 30.86 20.72
CA ARG D 24 35.40 31.72 21.86
C ARG D 24 34.28 31.75 22.88
N ALA D 25 34.64 31.60 24.16
CA ALA D 25 33.66 31.59 25.26
C ALA D 25 33.68 32.91 25.99
N SER D 26 32.48 33.39 26.40
CA SER D 26 32.35 34.70 27.03
C SER D 26 33.04 34.81 28.40
N LYS D 27 33.35 33.67 28.99
CA LYS D 27 34.20 33.63 30.19
C LYS D 27 34.96 32.28 30.29
N SER D 28 35.97 32.19 31.18
CA SER D 28 36.78 30.94 31.23
C SER D 28 35.98 29.68 31.56
N VAL D 29 36.33 28.59 30.87
CA VAL D 29 35.65 27.29 30.89
C VAL D 29 36.63 26.26 31.59
N ASP D 30 37.69 26.78 32.19
CA ASP D 30 38.69 25.97 32.93
C ASP D 30 38.38 25.76 34.41
N SER D 31 38.70 24.55 34.89
CA SER D 31 38.56 24.19 36.28
C SER D 31 39.64 23.18 36.63
N TYR D 32 40.47 23.48 37.64
CA TYR D 32 41.50 22.55 38.07
C TYR D 32 42.52 22.24 36.94
N GLY D 33 42.93 23.24 36.16
CA GLY D 33 43.91 23.03 35.07
C GLY D 33 43.38 22.36 33.80
N ASN D 34 42.08 22.04 33.74
CA ASN D 34 41.49 21.45 32.52
C ASN D 34 40.41 22.32 31.89
N SER D 35 40.21 22.20 30.59
CA SER D 35 39.27 23.02 29.82
C SER D 35 37.99 22.24 29.52
N PHE D 36 36.84 22.80 29.90
CA PHE D 36 35.56 22.09 29.76
C PHE D 36 34.82 22.40 28.44
N MET D 37 35.43 22.00 27.34
CA MET D 37 34.92 22.29 25.99
C MET D 37 34.93 21.02 25.12
N GLU D 38 33.77 20.70 24.53
CA GLU D 38 33.58 19.60 23.57
C GLU D 38 33.32 20.08 22.11
N TRP D 39 33.64 19.24 21.13
CA TRP D 39 33.41 19.48 19.70
C TRP D 39 32.53 18.32 19.13
N TYR D 40 31.55 18.67 18.33
CA TYR D 40 30.61 17.67 17.75
C TYR D 40 30.57 17.87 16.25
N GLN D 41 30.36 16.79 15.49
CA GLN D 41 30.08 16.87 14.05
C GLN D 41 28.61 16.50 13.87
N GLN D 42 27.83 17.28 13.12
CA GLN D 42 26.44 16.84 12.86
C GLN D 42 26.08 16.78 11.35
N LYS D 43 25.62 15.59 10.93
CA LYS D 43 25.24 15.35 9.54
C LYS D 43 23.73 15.38 9.47
N PRO D 44 23.17 15.75 8.31
CA PRO D 44 21.72 15.90 8.16
C PRO D 44 20.91 14.66 8.53
N GLY D 45 19.86 14.90 9.32
CA GLY D 45 19.01 13.86 9.88
C GLY D 45 19.53 12.99 11.02
N GLN D 46 20.72 13.33 11.54
CA GLN D 46 21.47 12.60 12.55
C GLN D 46 21.69 13.46 13.85
N PRO D 47 21.82 12.81 15.03
CA PRO D 47 22.11 13.58 16.23
C PRO D 47 23.55 14.03 16.16
N PRO D 48 23.93 15.00 17.00
CA PRO D 48 25.36 15.40 17.07
C PRO D 48 26.17 14.19 17.51
N LYS D 49 27.40 14.06 17.00
CA LYS D 49 28.34 12.99 17.35
C LYS D 49 29.63 13.57 17.91
N LEU D 50 30.03 13.14 19.12
CA LEU D 50 31.18 13.69 19.84
C LEU D 50 32.48 13.36 19.10
N LEU D 51 33.37 14.36 18.97
CA LEU D 51 34.69 14.23 18.33
C LEU D 51 35.85 14.37 19.36
N ILE D 52 35.77 15.39 20.21
CA ILE D 52 36.83 15.83 21.13
C ILE D 52 36.16 16.19 22.46
N TYR D 53 36.82 15.86 23.60
CA TYR D 53 36.36 16.26 24.95
C TYR D 53 37.49 16.91 25.71
N ARG D 54 37.15 17.70 26.71
CA ARG D 54 38.17 18.42 27.48
C ARG D 54 39.19 19.14 26.57
N ALA D 55 38.69 19.90 25.57
CA ALA D 55 39.44 20.75 24.63
C ALA D 55 40.32 20.00 23.61
N SER D 56 40.82 18.84 24.01
CA SER D 56 41.87 18.17 23.23
C SER D 56 41.85 16.64 23.23
N ASN D 57 40.92 16.01 23.91
CA ASN D 57 40.97 14.56 23.88
C ASN D 57 40.12 14.02 22.75
N LEU D 58 40.75 13.26 21.84
CA LEU D 58 40.07 12.52 20.79
C LEU D 58 39.06 11.42 21.29
N GLU D 59 37.80 11.54 20.96
CA GLU D 59 36.90 10.48 21.44
C GLU D 59 37.15 9.15 20.68
N SER D 60 37.24 8.03 21.43
CA SER D 60 37.42 6.69 20.81
C SER D 60 36.46 6.42 19.64
N GLY D 61 36.94 5.66 18.65
CA GLY D 61 36.29 5.48 17.33
C GLY D 61 36.38 6.62 16.31
N ILE D 62 36.90 7.79 16.72
CA ILE D 62 36.94 9.04 15.89
C ILE D 62 38.30 9.14 15.17
N PRO D 63 38.29 9.49 13.86
CA PRO D 63 39.56 9.56 13.11
C PRO D 63 40.59 10.55 13.68
N ALA D 64 41.86 10.12 13.61
CA ALA D 64 42.97 10.93 14.06
C ALA D 64 43.15 12.27 13.32
N ARG D 65 42.52 12.44 12.16
CA ARG D 65 42.61 13.72 11.44
C ARG D 65 41.84 14.90 12.08
N PHE D 66 41.03 14.61 13.13
CA PHE D 66 40.41 15.60 13.97
C PHE D 66 41.30 15.87 15.20
N SER D 67 41.52 17.16 15.53
CA SER D 67 42.28 17.49 16.73
C SER D 67 41.73 18.79 17.26
N GLY D 68 41.75 18.91 18.58
CA GLY D 68 41.31 20.13 19.28
C GLY D 68 42.46 20.78 20.04
N SER D 69 42.37 22.10 20.24
CA SER D 69 43.28 22.77 21.12
C SER D 69 42.67 24.07 21.64
N GLY D 70 43.40 24.69 22.58
CA GLY D 70 43.00 25.93 23.23
C GLY D 70 42.81 25.80 24.75
N SER D 71 42.52 26.92 25.41
CA SER D 71 42.28 26.95 26.86
C SER D 71 41.48 28.17 27.27
N ARG D 72 40.92 28.13 28.47
CA ARG D 72 40.18 29.29 29.01
C ARG D 72 38.98 29.77 28.13
N THR D 73 39.23 30.72 27.22
CA THR D 73 38.20 31.28 26.35
C THR D 73 38.42 31.09 24.83
N ASP D 74 39.57 30.55 24.40
CA ASP D 74 39.91 30.42 22.97
C ASP D 74 40.22 28.98 22.58
N PHE D 75 39.43 28.44 21.65
CA PHE D 75 39.49 27.03 21.23
C PHE D 75 39.44 26.89 19.71
N THR D 76 40.08 25.82 19.19
CA THR D 76 40.17 25.54 17.75
C THR D 76 39.97 24.04 17.46
N LEU D 77 39.14 23.72 16.47
CA LEU D 77 39.02 22.38 15.90
C LEU D 77 39.74 22.40 14.56
N THR D 78 40.75 21.52 14.39
CA THR D 78 41.46 21.36 13.11
C THR D 78 40.97 20.03 12.48
N ILE D 79 40.64 20.06 11.18
CA ILE D 79 40.40 18.83 10.39
C ILE D 79 41.46 18.79 9.29
N ASN D 80 42.47 17.91 9.41
CA ASN D 80 43.58 17.85 8.46
C ASN D 80 44.25 16.48 8.29
N PRO D 81 44.25 15.94 7.04
CA PRO D 81 43.58 16.32 5.78
C PRO D 81 42.08 16.05 5.69
N VAL D 82 41.35 17.03 5.16
CA VAL D 82 39.92 16.89 4.86
C VAL D 82 39.67 15.79 3.80
N GLU D 83 38.64 14.97 4.06
CA GLU D 83 38.17 13.92 3.17
C GLU D 83 36.71 14.20 2.90
N ALA D 84 36.18 13.64 1.80
CA ALA D 84 34.83 13.98 1.29
C ALA D 84 33.76 13.73 2.33
N ASP D 85 33.99 12.76 3.19
CA ASP D 85 33.00 12.36 4.17
C ASP D 85 32.91 13.32 5.35
N ASP D 86 33.74 14.36 5.33
CA ASP D 86 33.78 15.34 6.42
C ASP D 86 32.76 16.45 6.35
N VAL D 87 32.19 16.70 5.18
CA VAL D 87 31.08 17.67 5.04
C VAL D 87 30.05 17.44 6.15
N ALA D 88 29.69 18.51 6.85
CA ALA D 88 28.77 18.51 7.98
C ALA D 88 28.77 19.91 8.60
N THR D 89 27.95 20.09 9.65
CA THR D 89 28.07 21.27 10.50
C THR D 89 28.76 20.86 11.82
N TYR D 90 29.70 21.67 12.28
CA TYR D 90 30.47 21.37 13.48
C TYR D 90 30.09 22.31 14.61
N TYR D 91 29.81 21.79 15.80
CA TYR D 91 29.53 22.63 17.01
C TYR D 91 30.53 22.44 18.17
N CYS D 92 30.88 23.54 18.84
CA CYS D 92 31.50 23.48 20.17
C CYS D 92 30.43 23.61 21.25
N GLN D 93 30.63 22.95 22.38
CA GLN D 93 29.72 23.10 23.53
C GLN D 93 30.50 23.07 24.82
N GLN D 94 30.16 23.96 25.75
CA GLN D 94 30.84 23.99 27.07
C GLN D 94 30.06 23.19 28.15
N SER D 95 30.78 22.37 28.93
CA SER D 95 30.17 21.63 30.05
C SER D 95 30.77 22.05 31.38
N ASN D 96 31.09 23.33 31.48
CA ASN D 96 31.64 23.86 32.72
C ASN D 96 30.57 24.23 33.76
N GLU D 97 29.45 24.76 33.29
CA GLU D 97 28.51 25.46 34.16
C GLU D 97 27.19 25.47 33.45
N ASP D 98 26.12 25.03 34.10
CA ASP D 98 24.85 25.03 33.38
C ASP D 98 24.18 26.40 33.44
N PRO D 99 23.46 26.80 32.38
CA PRO D 99 23.08 26.00 31.20
C PRO D 99 24.30 25.68 30.36
N TYR D 100 24.32 24.47 29.81
CA TYR D 100 25.46 24.00 29.05
C TYR D 100 25.34 24.44 27.56
N THR D 101 25.91 25.61 27.28
CA THR D 101 25.59 26.29 26.02
C THR D 101 26.37 25.76 24.83
N PHE D 102 25.75 25.87 23.65
CA PHE D 102 26.38 25.49 22.37
C PHE D 102 26.73 26.72 21.51
N GLY D 103 27.83 26.64 20.75
CA GLY D 103 28.15 27.67 19.73
C GLY D 103 27.25 27.52 18.51
N GLY D 104 27.21 28.52 17.62
CA GLY D 104 26.21 28.51 16.52
C GLY D 104 26.41 27.63 15.28
N GLY D 105 27.43 26.77 15.26
CA GLY D 105 27.67 25.89 14.11
C GLY D 105 28.58 26.50 13.06
N THR D 106 29.44 25.69 12.49
CA THR D 106 30.16 26.06 11.28
C THR D 106 29.90 24.97 10.22
N LYS D 107 29.50 25.39 9.03
CA LYS D 107 29.19 24.45 7.93
C LYS D 107 30.43 24.25 7.06
N LEU D 108 30.84 22.99 6.86
CA LEU D 108 32.01 22.68 6.07
C LEU D 108 31.58 22.16 4.69
N GLU D 109 32.17 22.72 3.66
CA GLU D 109 31.90 22.26 2.32
C GLU D 109 33.16 21.92 1.58
N ILE D 110 33.02 21.01 0.60
CA ILE D 110 34.15 20.56 -0.23
C ILE D 110 34.23 21.37 -1.52
N LYS D 111 35.43 21.81 -1.87
CA LYS D 111 35.67 22.29 -3.22
C LYS D 111 36.22 21.17 -4.11
N ARG D 112 35.91 21.26 -5.40
CA ARG D 112 35.89 20.12 -6.30
C ARG D 112 35.87 20.72 -7.71
N ALA D 113 36.27 19.95 -8.72
CA ALA D 113 36.18 20.36 -10.13
C ALA D 113 34.73 20.60 -10.54
N ASP D 114 34.46 21.59 -11.40
CA ASP D 114 33.11 21.84 -11.91
C ASP D 114 32.56 20.61 -12.61
N ALA D 115 31.22 20.47 -12.58
CA ALA D 115 30.54 19.37 -13.22
C ALA D 115 29.14 19.84 -13.63
N ALA D 116 28.80 19.64 -14.91
CA ALA D 116 27.50 19.99 -15.47
C ALA D 116 26.42 19.08 -14.85
N PRO D 117 25.18 19.58 -14.67
CA PRO D 117 24.15 18.66 -14.15
C PRO D 117 23.65 17.67 -15.22
N THR D 118 23.05 16.58 -14.76
CA THR D 118 22.31 15.67 -15.59
C THR D 118 20.83 16.02 -15.39
N VAL D 119 20.20 16.51 -16.45
CA VAL D 119 18.84 17.03 -16.38
C VAL D 119 17.89 15.99 -16.97
N SER D 120 16.70 15.87 -16.36
CA SER D 120 15.74 14.85 -16.71
C SER D 120 14.32 15.41 -16.50
N ILE D 121 13.45 15.33 -17.48
CA ILE D 121 12.10 15.88 -17.29
C ILE D 121 11.07 14.73 -17.28
N PHE D 122 9.95 14.92 -16.57
CA PHE D 122 8.93 13.87 -16.39
C PHE D 122 7.53 14.46 -16.49
N PRO D 123 6.73 13.97 -17.46
CA PRO D 123 5.30 14.33 -17.54
C PRO D 123 4.46 13.95 -16.32
N PRO D 124 3.24 14.50 -16.23
CA PRO D 124 2.33 13.99 -15.22
C PRO D 124 2.01 12.52 -15.43
N SER D 125 1.76 11.85 -14.33
CA SER D 125 1.33 10.46 -14.30
C SER D 125 -0.11 10.44 -14.70
N SER D 126 -0.60 9.29 -15.17
CA SER D 126 -2.00 9.19 -15.59
C SER D 126 -2.84 9.09 -14.32
N GLU D 127 -2.24 8.59 -13.23
CA GLU D 127 -2.91 8.60 -11.93
C GLU D 127 -3.28 10.03 -11.50
N GLN D 128 -2.28 10.93 -11.46
CA GLN D 128 -2.52 12.35 -11.10
C GLN D 128 -3.53 13.05 -12.01
N LEU D 129 -3.42 12.81 -13.32
CA LEU D 129 -4.41 13.32 -14.29
C LEU D 129 -5.86 12.85 -13.99
N THR D 130 -6.01 11.64 -13.42
CA THR D 130 -7.37 11.11 -13.13
C THR D 130 -8.01 11.81 -11.90
N SER D 131 -7.16 12.26 -10.98
CA SER D 131 -7.57 13.01 -9.81
C SER D 131 -7.77 14.51 -10.09
N GLY D 132 -7.17 15.02 -11.17
CA GLY D 132 -7.55 16.34 -11.66
C GLY D 132 -6.45 17.37 -11.77
N GLY D 133 -5.25 17.04 -11.32
CA GLY D 133 -4.13 17.97 -11.38
C GLY D 133 -3.02 17.49 -12.30
N ALA D 134 -1.93 18.25 -12.37
CA ALA D 134 -0.90 17.90 -13.34
C ALA D 134 0.42 18.52 -13.01
N SER D 135 1.31 17.70 -12.43
CA SER D 135 2.65 18.13 -12.05
C SER D 135 3.75 17.70 -13.00
N VAL D 136 4.61 18.65 -13.36
CA VAL D 136 5.71 18.41 -14.26
C VAL D 136 7.02 18.55 -13.49
N VAL D 137 7.89 17.53 -13.60
CA VAL D 137 9.10 17.42 -12.75
C VAL D 137 10.39 17.40 -13.56
N CYS D 138 11.40 18.04 -12.99
CA CYS D 138 12.70 18.15 -13.58
C CYS D 138 13.73 17.93 -12.48
N PHE D 139 14.65 16.99 -12.69
CA PHE D 139 15.76 16.70 -11.76
C PHE D 139 17.05 17.21 -12.42
N LEU D 140 17.88 17.88 -11.63
CA LEU D 140 19.13 18.37 -12.13
C LEU D 140 20.14 17.84 -11.12
N ASN D 141 20.80 16.74 -11.46
CA ASN D 141 21.59 16.01 -10.49
C ASN D 141 23.11 16.03 -10.69
N ASN D 142 23.77 15.91 -9.55
CA ASN D 142 25.22 15.73 -9.44
C ASN D 142 26.03 16.82 -10.13
N PHE D 143 25.72 18.07 -9.83
CA PHE D 143 26.49 19.19 -10.35
C PHE D 143 27.41 19.91 -9.34
N TYR D 144 28.39 20.65 -9.88
CA TYR D 144 29.29 21.55 -9.11
C TYR D 144 29.69 22.77 -9.93
N PRO D 145 29.61 24.00 -9.33
CA PRO D 145 29.28 24.38 -7.96
C PRO D 145 27.77 24.45 -7.72
N LYS D 146 27.36 24.76 -6.49
CA LYS D 146 25.95 24.77 -6.07
C LYS D 146 25.01 25.79 -6.75
N ASP D 147 25.57 26.83 -7.35
CA ASP D 147 24.76 27.88 -7.97
C ASP D 147 24.18 27.38 -9.29
N ILE D 148 22.88 27.55 -9.48
CA ILE D 148 22.20 27.08 -10.70
C ILE D 148 20.88 27.83 -10.86
N ASN D 149 20.37 27.88 -12.07
CA ASN D 149 19.12 28.56 -12.31
C ASN D 149 18.24 27.70 -13.19
N VAL D 150 16.94 27.72 -12.93
CA VAL D 150 15.99 26.90 -13.68
C VAL D 150 14.83 27.75 -14.20
N LYS D 151 14.48 27.53 -15.45
CA LYS D 151 13.39 28.23 -16.09
C LYS D 151 12.42 27.24 -16.69
N TRP D 152 11.13 27.38 -16.38
CA TRP D 152 10.07 26.61 -17.03
C TRP D 152 9.50 27.32 -18.24
N LYS D 153 9.01 26.55 -19.21
CA LYS D 153 8.49 27.10 -20.43
C LYS D 153 7.33 26.26 -20.93
N ILE D 154 6.24 26.93 -21.20
CA ILE D 154 5.12 26.26 -21.82
C ILE D 154 4.98 26.80 -23.24
N ASP D 155 4.87 25.88 -24.19
CA ASP D 155 4.91 26.17 -25.63
C ASP D 155 6.00 27.15 -26.09
N GLY D 156 7.06 27.26 -25.29
CA GLY D 156 8.25 28.04 -25.58
C GLY D 156 8.24 29.34 -24.81
N SER D 157 7.26 29.47 -23.93
CA SER D 157 6.90 30.76 -23.34
C SER D 157 7.12 30.65 -21.83
N GLU D 158 8.00 31.46 -21.29
CA GLU D 158 8.40 31.43 -19.86
C GLU D 158 7.18 31.41 -18.87
N ARG D 159 7.24 30.56 -17.85
CA ARG D 159 6.26 30.62 -16.75
C ARG D 159 6.82 30.96 -15.37
N GLN D 160 6.25 31.99 -14.75
CA GLN D 160 6.69 32.50 -13.44
C GLN D 160 6.20 31.76 -12.17
N ASN D 161 4.89 31.63 -11.93
CA ASN D 161 4.54 30.75 -10.79
C ASN D 161 3.73 29.43 -10.95
N GLY D 162 3.70 28.67 -9.84
CA GLY D 162 3.40 27.22 -9.81
C GLY D 162 4.67 26.38 -9.63
N VAL D 163 5.82 27.05 -9.46
CA VAL D 163 7.12 26.37 -9.42
C VAL D 163 7.59 26.23 -7.97
N LEU D 164 7.83 24.98 -7.57
CA LEU D 164 8.35 24.58 -6.26
C LEU D 164 9.78 24.01 -6.42
N ASN D 165 10.79 24.56 -5.73
CA ASN D 165 12.13 23.94 -5.77
C ASN D 165 12.64 23.31 -4.47
N SER D 166 13.64 22.42 -4.62
CA SER D 166 14.28 21.73 -3.48
C SER D 166 15.72 21.35 -3.85
N TRP D 167 16.66 21.63 -2.95
CA TRP D 167 18.10 21.40 -3.12
C TRP D 167 18.65 20.43 -2.07
N THR D 168 19.62 19.59 -2.47
CA THR D 168 20.24 18.64 -1.52
C THR D 168 21.46 19.22 -0.78
N ASP D 169 21.87 18.53 0.28
CA ASP D 169 23.10 18.87 0.97
C ASP D 169 24.25 18.27 0.17
N GLN D 170 25.41 18.92 0.14
CA GLN D 170 26.59 18.29 -0.51
C GLN D 170 26.72 16.77 -0.26
N ASP D 171 26.85 16.01 -1.35
CA ASP D 171 27.02 14.56 -1.29
C ASP D 171 28.35 14.11 -0.64
N SER D 172 28.24 13.13 0.26
CA SER D 172 29.36 12.67 1.07
C SER D 172 30.43 11.86 0.35
N LYS D 173 30.09 11.41 -0.88
CA LYS D 173 30.97 10.61 -1.73
C LYS D 173 31.53 11.42 -2.86
N ASP D 174 30.67 12.06 -3.63
CA ASP D 174 31.19 12.73 -4.81
C ASP D 174 31.22 14.26 -4.78
N SER D 175 30.83 14.88 -3.66
CA SER D 175 30.98 16.34 -3.40
C SER D 175 30.19 17.26 -4.35
N THR D 176 29.13 16.70 -4.94
CA THR D 176 28.23 17.45 -5.80
C THR D 176 26.91 17.81 -5.11
N TYR D 177 26.07 18.55 -5.85
CA TYR D 177 24.75 19.03 -5.42
C TYR D 177 23.67 18.54 -6.42
N SER D 178 22.44 18.39 -5.94
CA SER D 178 21.34 18.14 -6.83
C SER D 178 20.21 19.13 -6.53
N MET D 179 19.25 19.20 -7.46
CA MET D 179 18.11 20.04 -7.30
C MET D 179 16.86 19.45 -8.02
N SER D 180 15.69 19.73 -7.46
CA SER D 180 14.45 19.23 -8.02
C SER D 180 13.55 20.42 -8.25
N SER D 181 12.90 20.48 -9.40
CA SER D 181 11.98 21.59 -9.68
C SER D 181 10.70 21.03 -10.19
N THR D 182 9.58 21.52 -9.64
CA THR D 182 8.26 20.98 -9.93
C THR D 182 7.32 22.12 -10.35
N LEU D 183 6.79 22.01 -11.57
CA LEU D 183 5.75 22.92 -12.04
C LEU D 183 4.40 22.22 -11.93
N THR D 184 3.48 22.79 -11.14
CA THR D 184 2.11 22.25 -10.93
C THR D 184 1.01 23.09 -11.57
N LEU D 185 0.28 22.46 -12.47
CA LEU D 185 -0.88 23.08 -13.13
C LEU D 185 -2.14 22.24 -12.85
N THR D 186 -3.27 22.76 -13.32
CA THR D 186 -4.46 21.98 -13.40
C THR D 186 -4.37 21.10 -14.67
N LYS D 187 -5.10 19.99 -14.69
CA LYS D 187 -5.20 19.19 -15.87
C LYS D 187 -5.78 20.01 -17.01
N ASP D 188 -6.62 20.99 -16.69
CA ASP D 188 -7.32 21.74 -17.73
C ASP D 188 -6.34 22.59 -18.53
N GLU D 189 -5.51 23.33 -17.79
CA GLU D 189 -4.38 24.06 -18.33
C GLU D 189 -3.46 23.13 -19.11
N TYR D 190 -2.88 22.17 -18.40
CA TYR D 190 -1.91 21.24 -18.96
C TYR D 190 -2.28 20.79 -20.35
N GLU D 191 -3.54 20.39 -20.56
CA GLU D 191 -3.99 19.93 -21.89
C GLU D 191 -4.36 21.05 -22.87
N ARG D 192 -4.08 22.29 -22.47
CA ARG D 192 -4.30 23.47 -23.31
C ARG D 192 -3.14 23.63 -24.27
N HIS D 193 -1.98 23.05 -23.92
CA HIS D 193 -0.69 23.24 -24.61
C HIS D 193 0.02 21.95 -24.99
N ASN D 194 0.95 22.06 -25.92
CA ASN D 194 1.59 20.88 -26.51
C ASN D 194 2.94 20.58 -25.90
N SER D 195 3.72 21.62 -25.58
CA SER D 195 5.10 21.34 -25.21
C SER D 195 5.63 22.01 -23.92
N TYR D 196 6.45 21.25 -23.18
CA TYR D 196 6.88 21.58 -21.81
C TYR D 196 8.38 21.43 -21.74
N THR D 197 9.03 22.39 -21.07
CA THR D 197 10.47 22.60 -21.16
C THR D 197 11.07 22.98 -19.80
N CYS D 198 12.18 22.31 -19.47
CA CYS D 198 12.99 22.60 -18.31
C CYS D 198 14.33 23.13 -18.86
N GLU D 199 14.79 24.34 -18.48
CA GLU D 199 16.06 24.91 -18.97
C GLU D 199 17.06 25.22 -17.83
N ALA D 200 18.27 24.63 -17.84
CA ALA D 200 19.18 24.89 -16.73
C ALA D 200 20.37 25.76 -17.16
N THR D 201 20.61 26.82 -16.39
CA THR D 201 21.74 27.74 -16.60
C THR D 201 22.75 27.48 -15.47
N HIS D 202 23.98 27.15 -15.85
CA HIS D 202 25.01 26.77 -14.89
C HIS D 202 26.35 27.25 -15.44
N LYS D 203 27.29 27.52 -14.53
CA LYS D 203 28.69 27.87 -14.82
C LYS D 203 29.34 27.11 -15.96
N THR D 204 28.95 25.84 -16.16
CA THR D 204 29.73 24.89 -16.99
C THR D 204 29.47 24.98 -18.50
N SER D 205 28.32 25.54 -18.88
CA SER D 205 27.94 25.75 -20.27
C SER D 205 27.62 27.21 -20.50
N THR D 206 27.96 27.71 -21.67
CA THR D 206 27.55 29.04 -22.07
C THR D 206 26.06 29.08 -22.41
N SER D 207 25.51 27.93 -22.78
CA SER D 207 24.16 27.81 -23.30
C SER D 207 23.34 26.87 -22.40
N PRO D 208 22.06 27.22 -22.11
CA PRO D 208 21.28 26.41 -21.18
C PRO D 208 21.22 24.92 -21.55
N ILE D 209 21.15 24.02 -20.56
CA ILE D 209 20.80 22.60 -20.84
C ILE D 209 19.28 22.58 -20.97
N VAL D 210 18.79 22.10 -22.13
CA VAL D 210 17.35 22.09 -22.44
C VAL D 210 16.84 20.67 -22.55
N LYS D 211 15.92 20.31 -21.66
CA LYS D 211 15.14 19.07 -21.79
C LYS D 211 13.68 19.42 -21.88
N SER D 212 12.98 18.69 -22.75
CA SER D 212 11.66 19.05 -23.21
C SER D 212 10.91 17.80 -23.70
N PHE D 213 9.57 17.81 -23.62
CA PHE D 213 8.75 16.81 -24.28
C PHE D 213 7.51 17.49 -24.89
N ASN D 214 6.87 16.81 -25.84
CA ASN D 214 5.56 17.16 -26.35
C ASN D 214 4.57 16.12 -25.85
N ARG D 215 3.33 16.51 -25.55
CA ARG D 215 2.27 15.54 -25.20
C ARG D 215 1.88 14.61 -26.38
N ASN D 216 1.21 13.49 -26.12
CA ASN D 216 0.95 12.50 -27.20
C ASN D 216 2.24 11.72 -27.55
#